data_6BOL
#
_entry.id   6BOL
#
_cell.length_a   63.641
_cell.length_b   103.595
_cell.length_c   135.149
_cell.angle_alpha   90.00
_cell.angle_beta   90.00
_cell.angle_gamma   90.00
#
_symmetry.space_group_name_H-M   'P 21 21 21'
#
loop_
_entity.id
_entity.type
_entity.pdbx_description
1 polymer '2-methylcitrate synthase, mitochondrial'
2 non-polymer 'PHOSPHATE ION'
3 non-polymer 'OXALOACETATE ION'
4 non-polymer 'CHLORIDE ION'
5 water water
#
_entity_poly.entity_id   1
_entity_poly.type   'polypeptide(L)'
_entity_poly.pdbx_seq_one_letter_code
;SGSGSTAEPDLKTALKAVIPAKRELFKQVKERSDEVIGEVKVANVIGGMRGLKSMLWEGSVLDPEEGIRFHGKTIKDCQK
ELPKGTSGTEMLPEAMFWLLLTGQVPSTNQVRAFSRELAEQSHLPQHILDLIKSFPRSMHPMTQLSIAVAALNTESKFAK
AYEKGLSKADYWEPTFDDSISLLAKIPRVAALVFRPDEVDQVGTQALDASQDWSYNFAELLGKGGKENQDFHDLLRLYLA
LHGDHEGGNVSAHATHLVGSALSDPFLSYSAGLLGLAGPLHGLAAQEVLRWILAMQDKIGTKFTDDDVRNYLWDTLKSGR
VVPGYGHGVLRKPDPRFQALMDFAATRPDVLANPVFQLVKKNSEIAPAVLTEHGKTKNPHPNVDAASGVLFYHYAFQQPL
YYTVTFGVSRALGPLVQLIWDRALGLPIERPKSINLLGLKK
;
_entity_poly.pdbx_strand_id   B,A
#
loop_
_chem_comp.id
_chem_comp.type
_chem_comp.name
_chem_comp.formula
CL non-polymer 'CHLORIDE ION' 'Cl -1'
OAA non-polymer 'OXALOACETATE ION' 'C4 H3 O5 -1'
PO4 non-polymer 'PHOSPHATE ION' 'O4 P -3'
#
# COMPACT_ATOMS: atom_id res chain seq x y z
N ALA A 7 -35.88 19.67 2.28
CA ALA A 7 -34.79 18.78 2.82
C ALA A 7 -33.68 18.63 1.74
N GLU A 8 -32.57 19.35 1.96
CA GLU A 8 -31.43 19.48 0.99
C GLU A 8 -30.81 18.13 0.67
N PRO A 9 -30.13 17.98 -0.48
CA PRO A 9 -29.45 16.72 -0.80
C PRO A 9 -28.50 16.27 0.32
N ASP A 10 -28.49 14.96 0.58
CA ASP A 10 -27.41 14.31 1.32
C ASP A 10 -26.13 14.14 0.47
N LEU A 11 -25.05 13.68 1.13
CA LEU A 11 -23.74 13.64 0.45
C LEU A 11 -23.74 12.82 -0.83
N LYS A 12 -24.29 11.62 -0.71
CA LYS A 12 -24.40 10.69 -1.81
C LYS A 12 -25.14 11.28 -2.99
N THR A 13 -26.30 11.88 -2.70
CA THR A 13 -27.09 12.58 -3.70
C THR A 13 -26.31 13.75 -4.34
N ALA A 14 -25.60 14.52 -3.52
CA ALA A 14 -24.78 15.63 -4.06
C ALA A 14 -23.66 15.17 -4.99
N LEU A 15 -23.07 14.00 -4.65
CA LEU A 15 -22.01 13.42 -5.46
C LEU A 15 -22.62 12.87 -6.74
N LYS A 16 -23.80 12.29 -6.61
CA LYS A 16 -24.47 11.74 -7.76
C LYS A 16 -24.77 12.83 -8.79
N ALA A 17 -25.04 14.06 -8.36
CA ALA A 17 -25.28 15.17 -9.29
C ALA A 17 -24.06 15.72 -10.04
N VAL A 18 -22.86 15.50 -9.54
CA VAL A 18 -21.62 16.01 -10.20
C VAL A 18 -20.89 14.93 -11.01
N ILE A 19 -21.31 13.66 -10.88
CA ILE A 19 -20.67 12.56 -11.54
C ILE A 19 -20.78 12.71 -13.06
N PRO A 20 -21.97 13.02 -13.60
CA PRO A 20 -22.06 13.18 -15.07
C PRO A 20 -21.10 14.24 -15.67
N ALA A 21 -20.97 15.38 -15.00
CA ALA A 21 -20.05 16.43 -15.47
C ALA A 21 -18.60 15.96 -15.41
N LYS A 22 -18.26 15.25 -14.36
CA LYS A 22 -16.92 14.70 -14.31
C LYS A 22 -16.63 13.63 -15.43
N ARG A 23 -17.58 12.73 -15.66
CA ARG A 23 -17.46 11.77 -16.75
C ARG A 23 -17.38 12.42 -18.13
N GLU A 24 -18.07 13.53 -18.35
CA GLU A 24 -17.93 14.27 -19.61
C GLU A 24 -16.55 14.91 -19.70
N LEU A 25 -16.10 15.56 -18.63
CA LEU A 25 -14.76 16.11 -18.63
C LEU A 25 -13.72 15.02 -18.89
N PHE A 26 -13.92 13.85 -18.31
CA PHE A 26 -12.96 12.77 -18.50
C PHE A 26 -12.89 12.31 -19.97
N LYS A 27 -14.05 12.14 -20.60
CA LYS A 27 -14.12 11.83 -22.04
C LYS A 27 -13.36 12.83 -22.93
N GLN A 28 -13.54 14.10 -22.66
CA GLN A 28 -12.80 15.15 -23.36
C GLN A 28 -11.27 15.03 -23.19
N VAL A 29 -10.80 14.77 -21.97
CA VAL A 29 -9.37 14.56 -21.75
C VAL A 29 -8.88 13.30 -22.46
N LYS A 30 -9.70 12.25 -22.44
CA LYS A 30 -9.38 10.99 -23.09
C LYS A 30 -9.25 11.11 -24.61
N GLU A 31 -10.03 11.98 -25.23
CA GLU A 31 -9.91 12.27 -26.65
C GLU A 31 -8.53 12.84 -27.00
N ARG A 32 -7.85 13.40 -26.01
CA ARG A 32 -6.47 13.83 -26.15
C ARG A 32 -5.41 12.85 -25.63
N SER A 33 -5.70 11.55 -25.64
CA SER A 33 -4.77 10.53 -25.12
C SER A 33 -3.34 10.57 -25.71
N ASP A 34 -3.21 10.83 -27.01
CA ASP A 34 -1.91 10.75 -27.66
C ASP A 34 -1.01 11.95 -27.42
N GLU A 35 -1.53 12.99 -26.80
CA GLU A 35 -0.78 14.22 -26.53
C GLU A 35 0.36 14.06 -25.51
N VAL A 36 1.54 14.57 -25.86
CA VAL A 36 2.74 14.55 -25.00
C VAL A 36 2.73 15.67 -23.99
N ILE A 37 2.96 15.35 -22.73
CA ILE A 37 3.04 16.34 -21.65
C ILE A 37 4.40 16.45 -20.91
N GLY A 38 5.36 15.59 -21.21
CA GLY A 38 6.67 15.66 -20.60
C GLY A 38 7.56 14.57 -21.12
N GLU A 39 8.80 14.56 -20.63
CA GLU A 39 9.77 13.51 -20.97
C GLU A 39 10.12 12.66 -19.77
N VAL A 40 10.51 11.42 -20.07
CA VAL A 40 11.05 10.52 -19.09
C VAL A 40 12.55 10.50 -19.30
N LYS A 41 13.29 10.87 -18.27
CA LYS A 41 14.71 10.73 -18.26
C LYS A 41 15.18 9.64 -17.32
N VAL A 42 16.43 9.23 -17.57
CA VAL A 42 17.11 8.31 -16.70
C VAL A 42 16.89 8.76 -15.27
N ALA A 43 17.16 10.05 -14.97
CA ALA A 43 16.96 10.60 -13.61
C ALA A 43 15.61 10.29 -12.94
N ASN A 44 14.55 10.22 -13.75
CA ASN A 44 13.21 9.91 -13.25
C ASN A 44 13.09 8.46 -12.84
N VAL A 45 13.76 7.58 -13.57
CA VAL A 45 13.64 6.14 -13.28
C VAL A 45 14.35 5.74 -12.00
N ILE A 46 15.58 6.24 -11.91
CA ILE A 46 16.42 6.02 -10.72
C ILE A 46 16.10 6.95 -9.51
N GLY A 47 15.33 7.99 -9.72
CA GLY A 47 15.11 9.02 -8.71
C GLY A 47 13.70 9.03 -8.15
N GLY A 48 13.03 7.87 -8.14
CA GLY A 48 11.77 7.67 -7.49
C GLY A 48 10.64 8.42 -8.14
N MET A 49 10.67 8.48 -9.47
CA MET A 49 9.71 9.21 -10.31
C MET A 49 9.63 10.71 -10.00
N ARG A 50 10.59 11.27 -9.29
CA ARG A 50 10.56 12.70 -9.04
C ARG A 50 10.57 13.50 -10.37
N GLY A 51 9.66 14.46 -10.46
CA GLY A 51 9.47 15.31 -11.64
C GLY A 51 8.38 14.80 -12.58
N LEU A 52 8.00 13.53 -12.44
CA LEU A 52 7.22 12.86 -13.46
C LEU A 52 5.73 13.05 -13.22
N LYS A 53 5.05 13.80 -14.09
CA LYS A 53 3.60 13.97 -13.96
C LYS A 53 2.87 12.75 -14.52
N SER A 54 2.47 11.83 -13.66
CA SER A 54 2.00 10.55 -14.11
C SER A 54 0.79 9.99 -13.38
N MET A 55 0.18 10.75 -12.49
CA MET A 55 -1.05 10.30 -11.87
C MET A 55 -2.12 11.38 -11.77
N LEU A 56 -3.36 10.95 -11.86
CA LEU A 56 -4.53 11.76 -11.70
C LEU A 56 -4.92 11.95 -10.22
N TRP A 57 -5.26 13.17 -9.87
CA TRP A 57 -5.69 13.51 -8.51
C TRP A 57 -6.55 14.78 -8.55
N GLU A 58 -7.84 14.63 -8.23
CA GLU A 58 -8.84 15.65 -8.57
C GLU A 58 -9.03 16.75 -7.54
N GLY A 59 -8.89 16.41 -6.29
CA GLY A 59 -9.40 17.22 -5.23
C GLY A 59 -8.53 18.39 -4.84
N SER A 60 -7.23 18.27 -5.01
CA SER A 60 -6.28 19.29 -4.55
C SER A 60 -5.12 19.43 -5.50
N VAL A 61 -4.59 20.65 -5.61
CA VAL A 61 -3.49 20.97 -6.55
C VAL A 61 -2.60 21.97 -5.84
N LEU A 62 -1.30 21.74 -5.86
CA LEU A 62 -0.37 22.71 -5.30
C LEU A 62 -0.09 23.94 -6.22
N ASP A 63 -0.50 25.11 -5.77
CA ASP A 63 -0.19 26.36 -6.42
C ASP A 63 1.12 26.90 -5.81
N PRO A 64 2.14 27.14 -6.67
CA PRO A 64 3.43 27.76 -6.25
C PRO A 64 3.36 29.12 -5.50
N GLU A 65 2.32 29.89 -5.71
CA GLU A 65 2.16 31.18 -5.03
C GLU A 65 1.22 31.08 -3.80
N GLU A 66 0.14 30.31 -3.90
CA GLU A 66 -0.91 30.31 -2.90
C GLU A 66 -0.93 29.04 -2.06
N GLY A 67 -0.05 28.10 -2.33
CA GLY A 67 -0.07 26.83 -1.62
C GLY A 67 -1.16 25.88 -2.08
N ILE A 68 -1.52 24.92 -1.24
CA ILE A 68 -2.48 23.92 -1.60
C ILE A 68 -3.88 24.51 -1.75
N ARG A 69 -4.57 24.08 -2.80
CA ARG A 69 -5.90 24.52 -3.12
C ARG A 69 -6.81 23.35 -3.40
N PHE A 70 -8.04 23.51 -2.95
CA PHE A 70 -9.02 22.43 -2.96
C PHE A 70 -10.09 22.92 -3.91
N HIS A 71 -10.17 22.32 -5.09
CA HIS A 71 -11.02 22.81 -6.21
C HIS A 71 -10.88 24.33 -6.37
N GLY A 72 -9.63 24.78 -6.38
CA GLY A 72 -9.33 26.22 -6.57
C GLY A 72 -9.47 27.10 -5.35
N LYS A 73 -9.95 26.58 -4.23
CA LYS A 73 -10.13 27.34 -2.99
C LYS A 73 -8.87 27.32 -2.15
N THR A 74 -8.42 28.50 -1.69
CA THR A 74 -7.29 28.59 -0.79
C THR A 74 -7.74 28.12 0.62
N ILE A 75 -6.77 28.01 1.51
CA ILE A 75 -7.02 27.76 2.89
C ILE A 75 -7.87 28.87 3.49
N LYS A 76 -7.48 30.12 3.26
CA LYS A 76 -8.26 31.27 3.68
C LYS A 76 -9.73 31.19 3.13
N ASP A 77 -9.92 30.86 1.86
CA ASP A 77 -11.28 30.66 1.32
C ASP A 77 -12.03 29.61 2.10
N CYS A 78 -11.39 28.48 2.41
CA CYS A 78 -12.04 27.41 3.18
C CYS A 78 -12.36 27.83 4.62
N GLN A 79 -11.48 28.58 5.28
CA GLN A 79 -11.79 29.05 6.61
C GLN A 79 -12.97 29.99 6.62
N LYS A 80 -13.14 30.76 5.54
CA LYS A 80 -14.27 31.70 5.40
C LYS A 80 -15.61 31.02 5.10
N GLU A 81 -15.61 30.01 4.23
CA GLU A 81 -16.84 29.52 3.60
C GLU A 81 -17.39 28.25 4.20
N LEU A 82 -16.55 27.40 4.77
CA LEU A 82 -16.96 26.06 5.21
C LEU A 82 -17.69 26.09 6.54
N PRO A 83 -18.75 25.31 6.68
CA PRO A 83 -19.47 25.26 7.96
C PRO A 83 -18.60 24.95 9.17
N LYS A 84 -18.99 25.49 10.30
CA LYS A 84 -18.35 25.29 11.59
C LYS A 84 -19.18 24.36 12.46
N GLY A 85 -18.63 24.00 13.62
CA GLY A 85 -19.35 23.21 14.61
C GLY A 85 -20.47 24.00 15.23
N THR A 86 -21.27 23.30 16.04
CA THR A 86 -22.35 23.92 16.78
C THR A 86 -21.76 24.97 17.71
N SER A 87 -20.57 24.73 18.23
CA SER A 87 -19.78 25.83 18.84
C SER A 87 -18.35 25.82 18.26
N GLY A 88 -17.58 26.84 18.57
CA GLY A 88 -16.25 26.93 18.01
C GLY A 88 -16.12 27.73 16.71
N THR A 89 -14.87 28.02 16.38
CA THR A 89 -14.45 28.97 15.38
C THR A 89 -13.90 28.31 14.12
N GLU A 90 -13.57 27.02 14.14
CA GLU A 90 -12.84 26.42 13.05
C GLU A 90 -13.72 25.57 12.12
N MET A 91 -13.37 25.60 10.86
CA MET A 91 -13.98 24.75 9.80
C MET A 91 -13.98 23.27 10.16
N LEU A 92 -15.02 22.56 9.78
CA LEU A 92 -15.12 21.14 10.07
C LEU A 92 -14.45 20.29 9.01
N PRO A 93 -13.72 19.26 9.42
CA PRO A 93 -13.24 18.23 8.47
C PRO A 93 -14.33 17.54 7.66
N GLU A 94 -15.52 17.32 8.25
CA GLU A 94 -16.65 16.78 7.46
C GLU A 94 -17.01 17.73 6.31
N ALA A 95 -16.94 19.03 6.55
CA ALA A 95 -17.18 19.98 5.46
C ALA A 95 -16.07 19.98 4.42
N MET A 96 -14.80 19.86 4.84
CA MET A 96 -13.69 19.69 3.90
C MET A 96 -13.90 18.44 3.03
N PHE A 97 -14.30 17.32 3.64
CA PHE A 97 -14.62 16.12 2.88
C PHE A 97 -15.63 16.37 1.82
N TRP A 98 -16.70 17.11 2.18
CA TRP A 98 -17.80 17.41 1.28
C TRP A 98 -17.29 18.18 0.07
N LEU A 99 -16.52 19.23 0.33
CA LEU A 99 -15.87 20.03 -0.72
C LEU A 99 -14.93 19.22 -1.61
N LEU A 100 -14.02 18.45 -1.02
CA LEU A 100 -13.16 17.58 -1.79
C LEU A 100 -13.98 16.65 -2.71
N LEU A 101 -15.04 16.06 -2.19
CA LEU A 101 -15.75 15.06 -2.97
C LEU A 101 -16.57 15.65 -4.09
N THR A 102 -17.28 16.74 -3.79
CA THR A 102 -18.27 17.33 -4.67
C THR A 102 -17.86 18.57 -5.48
N GLY A 103 -16.77 19.20 -5.10
CA GLY A 103 -16.35 20.52 -5.62
C GLY A 103 -17.19 21.71 -5.10
N GLN A 104 -18.09 21.47 -4.15
CA GLN A 104 -19.06 22.49 -3.72
C GLN A 104 -19.02 22.61 -2.18
N VAL A 105 -19.47 23.74 -1.66
CA VAL A 105 -19.48 24.00 -0.22
C VAL A 105 -20.82 23.58 0.33
N PRO A 106 -20.87 22.67 1.32
CA PRO A 106 -22.18 22.26 1.82
C PRO A 106 -22.81 23.37 2.65
N SER A 107 -24.14 23.42 2.73
CA SER A 107 -24.80 24.25 3.79
C SER A 107 -24.46 23.61 5.15
N THR A 108 -24.72 24.38 6.20
CA THR A 108 -24.49 23.91 7.55
C THR A 108 -25.36 22.72 7.90
N ASN A 109 -26.62 22.72 7.51
CA ASN A 109 -27.50 21.52 7.78
C ASN A 109 -27.17 20.27 7.00
N GLN A 110 -26.58 20.42 5.83
CA GLN A 110 -25.96 19.28 5.12
C GLN A 110 -24.83 18.62 5.88
N VAL A 111 -23.96 19.43 6.46
CA VAL A 111 -22.88 18.96 7.29
C VAL A 111 -23.46 18.30 8.54
N ARG A 112 -24.48 18.86 9.13
CA ARG A 112 -25.10 18.25 10.33
C ARG A 112 -25.63 16.89 10.03
N ALA A 113 -26.32 16.70 8.90
CA ALA A 113 -26.85 15.37 8.57
C ALA A 113 -25.69 14.44 8.35
N PHE A 114 -24.61 14.92 7.70
CA PHE A 114 -23.39 14.10 7.52
C PHE A 114 -22.69 13.75 8.89
N SER A 115 -22.51 14.69 9.79
CA SER A 115 -21.95 14.38 11.14
C SER A 115 -22.77 13.36 11.90
N ARG A 116 -24.08 13.37 11.72
CA ARG A 116 -24.96 12.45 12.39
C ARG A 116 -24.73 11.06 11.83
N GLU A 117 -24.54 10.94 10.51
CA GLU A 117 -24.21 9.63 9.90
C GLU A 117 -22.89 9.09 10.46
N LEU A 118 -21.87 9.92 10.56
CA LEU A 118 -20.58 9.51 11.10
C LEU A 118 -20.68 9.05 12.56
N ALA A 119 -21.49 9.71 13.36
CA ALA A 119 -21.67 9.26 14.77
C ALA A 119 -22.43 7.92 14.90
N GLU A 120 -23.47 7.74 14.10
CA GLU A 120 -24.26 6.48 14.00
C GLU A 120 -23.50 5.23 13.52
N GLN A 121 -22.57 5.40 12.59
CA GLN A 121 -21.78 4.28 12.05
C GLN A 121 -20.44 4.03 12.77
N SER A 122 -20.20 4.69 13.89
CA SER A 122 -18.89 4.68 14.54
C SER A 122 -18.54 3.44 15.34
N HIS A 123 -19.50 2.55 15.53
CA HIS A 123 -19.30 1.35 16.36
C HIS A 123 -18.49 0.30 15.59
N LEU A 124 -17.90 -0.59 16.37
CA LEU A 124 -16.96 -1.55 15.85
C LEU A 124 -17.47 -2.97 16.11
N PRO A 125 -17.28 -3.89 15.15
CA PRO A 125 -17.51 -5.30 15.49
C PRO A 125 -16.66 -5.75 16.68
N GLN A 126 -17.12 -6.77 17.39
CA GLN A 126 -16.49 -7.25 18.63
C GLN A 126 -15.08 -7.74 18.32
N HIS A 127 -14.93 -8.38 17.17
CA HIS A 127 -13.65 -8.92 16.80
C HIS A 127 -12.54 -7.89 16.65
N ILE A 128 -12.89 -6.65 16.36
CA ILE A 128 -11.88 -5.60 16.29
C ILE A 128 -11.40 -5.26 17.70
N LEU A 129 -12.30 -5.32 18.68
CA LEU A 129 -11.88 -5.15 20.09
C LEU A 129 -10.91 -6.25 20.50
N ASP A 130 -11.24 -7.48 20.14
CA ASP A 130 -10.39 -8.65 20.46
C ASP A 130 -9.00 -8.55 19.80
N LEU A 131 -8.97 -8.14 18.53
CA LEU A 131 -7.75 -7.98 17.79
C LEU A 131 -6.86 -6.95 18.48
N ILE A 132 -7.39 -5.76 18.75
CA ILE A 132 -6.64 -4.68 19.43
C ILE A 132 -6.08 -5.10 20.82
N LYS A 133 -6.87 -5.82 21.59
CA LYS A 133 -6.40 -6.37 22.88
C LYS A 133 -5.29 -7.41 22.77
N SER A 134 -5.17 -8.07 21.64
CA SER A 134 -4.06 -8.95 21.35
C SER A 134 -2.73 -8.21 21.10
N PHE A 135 -2.77 -6.91 20.74
CA PHE A 135 -1.51 -6.23 20.40
C PHE A 135 -0.60 -6.17 21.62
N PRO A 136 0.69 -6.45 21.46
CA PRO A 136 1.60 -6.10 22.55
C PRO A 136 1.65 -4.59 22.78
N ARG A 137 1.94 -4.20 24.02
CA ARG A 137 2.08 -2.82 24.43
C ARG A 137 3.16 -2.04 23.68
N SER A 138 4.21 -2.72 23.25
CA SER A 138 5.32 -2.12 22.51
C SER A 138 5.13 -2.04 20.97
N MET A 139 4.03 -2.60 20.45
CA MET A 139 3.74 -2.52 19.02
C MET A 139 3.54 -1.06 18.66
N HIS A 140 4.28 -0.62 17.68
CA HIS A 140 4.26 0.77 17.20
C HIS A 140 2.80 1.21 16.89
N PRO A 141 2.42 2.45 17.23
CA PRO A 141 1.01 2.80 17.06
C PRO A 141 0.49 2.78 15.65
N MET A 142 1.34 3.17 14.67
CA MET A 142 0.95 3.12 13.26
C MET A 142 0.75 1.73 12.73
N THR A 143 1.50 0.75 13.26
CA THR A 143 1.29 -0.66 12.91
C THR A 143 -0.09 -1.06 13.40
N GLN A 144 -0.41 -0.68 14.63
CA GLN A 144 -1.70 -1.04 15.27
C GLN A 144 -2.84 -0.44 14.43
N LEU A 145 -2.66 0.82 14.01
CA LEU A 145 -3.71 1.54 13.27
C LEU A 145 -3.89 0.90 11.89
N SER A 146 -2.79 0.62 11.18
CA SER A 146 -2.88 0.04 9.88
C SER A 146 -3.59 -1.33 9.95
N ILE A 147 -3.22 -2.13 10.90
CA ILE A 147 -3.80 -3.46 11.09
C ILE A 147 -5.29 -3.44 11.36
N ALA A 148 -5.71 -2.65 12.33
CA ALA A 148 -7.15 -2.53 12.67
C ALA A 148 -8.03 -1.95 11.54
N VAL A 149 -7.49 -1.02 10.73
CA VAL A 149 -8.22 -0.54 9.55
C VAL A 149 -8.44 -1.64 8.47
N ALA A 150 -7.35 -2.36 8.14
CA ALA A 150 -7.45 -3.51 7.27
C ALA A 150 -8.50 -4.53 7.78
N ALA A 151 -8.45 -4.83 9.07
CA ALA A 151 -9.37 -5.83 9.68
C ALA A 151 -10.85 -5.44 9.55
N LEU A 152 -11.10 -4.15 9.51
CA LEU A 152 -12.46 -3.66 9.19
C LEU A 152 -13.01 -4.06 7.79
N ASN A 153 -12.19 -4.64 6.93
CA ASN A 153 -12.61 -5.18 5.61
C ASN A 153 -13.66 -6.29 5.73
N THR A 154 -13.75 -6.94 6.89
CA THR A 154 -14.85 -7.86 7.17
C THR A 154 -16.21 -7.16 6.97
N GLU A 155 -16.26 -5.83 7.14
CA GLU A 155 -17.50 -5.05 6.96
C GLU A 155 -17.62 -4.40 5.56
N SER A 156 -16.79 -4.78 4.59
CA SER A 156 -16.76 -4.04 3.32
C SER A 156 -17.96 -4.41 2.49
N LYS A 157 -18.78 -3.42 2.17
CA LYS A 157 -19.83 -3.61 1.13
C LYS A 157 -19.23 -3.74 -0.25
N PHE A 158 -18.13 -3.07 -0.57
CA PHE A 158 -17.58 -3.23 -1.93
C PHE A 158 -17.13 -4.66 -2.11
N ALA A 159 -16.42 -5.22 -1.13
CA ALA A 159 -15.84 -6.54 -1.32
C ALA A 159 -16.94 -7.60 -1.54
N LYS A 160 -18.01 -7.54 -0.75
CA LYS A 160 -19.12 -8.45 -0.95
C LYS A 160 -19.93 -8.16 -2.23
N ALA A 161 -20.18 -6.90 -2.55
CA ALA A 161 -20.97 -6.61 -3.74
C ALA A 161 -20.23 -7.04 -4.96
N TYR A 162 -18.92 -6.85 -4.95
CA TYR A 162 -18.07 -7.28 -6.06
C TYR A 162 -18.12 -8.80 -6.23
N GLU A 163 -18.05 -9.53 -5.12
CA GLU A 163 -18.10 -11.00 -5.12
C GLU A 163 -19.46 -11.54 -5.70
N LYS A 164 -20.54 -10.76 -5.57
CA LYS A 164 -21.87 -11.10 -6.12
C LYS A 164 -22.05 -10.82 -7.62
N GLY A 165 -21.17 -10.03 -8.22
CA GLY A 165 -21.38 -9.48 -9.55
C GLY A 165 -21.91 -8.07 -9.39
N LEU A 166 -21.13 -7.12 -9.89
CA LEU A 166 -21.41 -5.70 -9.74
C LEU A 166 -20.96 -5.04 -11.03
N SER A 167 -21.82 -4.19 -11.60
CA SER A 167 -21.44 -3.46 -12.82
C SER A 167 -20.36 -2.45 -12.51
N LYS A 168 -19.53 -2.18 -13.51
CA LYS A 168 -18.51 -1.18 -13.42
C LYS A 168 -19.05 0.21 -13.09
N ALA A 169 -20.22 0.51 -13.64
CA ALA A 169 -20.91 1.78 -13.45
C ALA A 169 -21.37 1.99 -12.00
N ASP A 170 -21.64 0.89 -11.29
CA ASP A 170 -22.02 0.96 -9.89
C ASP A 170 -20.88 0.81 -8.87
N TYR A 171 -19.64 0.59 -9.31
CA TYR A 171 -18.50 0.48 -8.36
C TYR A 171 -18.38 1.59 -7.35
N TRP A 172 -18.67 2.83 -7.76
CA TRP A 172 -18.46 3.97 -6.89
C TRP A 172 -19.36 3.94 -5.64
N GLU A 173 -20.54 3.35 -5.72
CA GLU A 173 -21.50 3.43 -4.63
C GLU A 173 -21.11 2.64 -3.35
N PRO A 174 -20.77 1.36 -3.47
CA PRO A 174 -20.18 0.60 -2.38
C PRO A 174 -18.82 1.18 -1.96
N THR A 175 -18.06 1.76 -2.88
CA THR A 175 -16.84 2.45 -2.51
C THR A 175 -17.14 3.59 -1.57
N PHE A 176 -18.16 4.40 -1.91
CA PHE A 176 -18.63 5.50 -1.10
C PHE A 176 -19.13 5.00 0.26
N ASP A 177 -20.00 3.99 0.26
CA ASP A 177 -20.54 3.46 1.53
C ASP A 177 -19.43 3.00 2.47
N ASP A 178 -18.47 2.26 1.96
CA ASP A 178 -17.32 1.83 2.76
C ASP A 178 -16.40 2.99 3.22
N SER A 179 -16.17 3.98 2.34
CA SER A 179 -15.42 5.18 2.70
C SER A 179 -16.06 5.93 3.91
N ILE A 180 -17.36 6.09 3.88
CA ILE A 180 -18.10 6.71 4.99
C ILE A 180 -18.02 5.85 6.25
N SER A 181 -18.16 4.55 6.08
CA SER A 181 -18.01 3.63 7.23
C SER A 181 -16.62 3.68 7.86
N LEU A 182 -15.62 3.76 7.02
CA LEU A 182 -14.24 3.89 7.48
C LEU A 182 -14.01 5.18 8.23
N LEU A 183 -14.44 6.29 7.65
CA LEU A 183 -14.34 7.60 8.29
C LEU A 183 -15.01 7.58 9.66
N ALA A 184 -16.21 7.02 9.75
CA ALA A 184 -16.97 6.91 11.00
C ALA A 184 -16.23 6.17 12.12
N LYS A 185 -15.52 5.10 11.75
CA LYS A 185 -14.90 4.20 12.70
C LYS A 185 -13.47 4.55 13.06
N ILE A 186 -12.75 5.23 12.16
CA ILE A 186 -11.35 5.43 12.34
C ILE A 186 -11.02 6.22 13.58
N PRO A 187 -11.79 7.23 13.97
CA PRO A 187 -11.41 7.91 15.21
C PRO A 187 -11.58 7.01 16.47
N ARG A 188 -12.51 6.06 16.46
CA ARG A 188 -12.69 5.14 17.56
C ARG A 188 -11.47 4.17 17.55
N VAL A 189 -11.10 3.66 16.38
CA VAL A 189 -9.89 2.79 16.30
C VAL A 189 -8.66 3.59 16.80
N ALA A 190 -8.48 4.81 16.30
CA ALA A 190 -7.39 5.64 16.78
C ALA A 190 -7.34 5.82 18.28
N ALA A 191 -8.50 6.04 18.93
CA ALA A 191 -8.56 6.23 20.35
C ALA A 191 -8.17 4.97 21.09
N LEU A 192 -8.49 3.81 20.51
CA LEU A 192 -8.14 2.51 21.07
C LEU A 192 -6.62 2.28 21.01
N VAL A 193 -5.99 2.75 19.93
CA VAL A 193 -4.51 2.81 19.80
C VAL A 193 -3.90 3.64 20.97
N PHE A 194 -4.51 4.80 21.26
CA PHE A 194 -4.09 5.71 22.37
C PHE A 194 -4.37 5.19 23.75
N ARG A 195 -5.38 4.33 23.89
CA ARG A 195 -5.92 3.93 25.21
C ARG A 195 -6.08 2.41 25.28
N PRO A 196 -4.94 1.69 25.23
CA PRO A 196 -4.96 0.25 25.21
C PRO A 196 -5.44 -0.38 26.53
N ASP A 197 -5.40 0.34 27.64
CA ASP A 197 -6.00 -0.20 28.89
C ASP A 197 -7.53 -0.08 28.99
N GLU A 198 -8.16 0.62 28.05
CA GLU A 198 -9.60 0.87 28.14
C GLU A 198 -10.38 0.41 26.90
N VAL A 199 -9.97 -0.70 26.31
CA VAL A 199 -10.51 -1.14 25.05
C VAL A 199 -12.03 -1.41 25.12
N ASP A 200 -12.48 -2.12 26.15
CA ASP A 200 -13.89 -2.43 26.36
C ASP A 200 -14.80 -1.19 26.51
N GLN A 201 -14.35 -0.20 27.30
CA GLN A 201 -15.12 1.03 27.52
C GLN A 201 -15.14 1.94 26.28
N VAL A 202 -13.95 2.39 25.83
CA VAL A 202 -13.83 3.31 24.69
C VAL A 202 -14.35 2.68 23.37
N GLY A 203 -14.23 1.38 23.24
CA GLY A 203 -14.68 0.69 22.03
C GLY A 203 -16.18 0.49 21.90
N THR A 204 -16.92 0.67 22.97
CA THR A 204 -18.41 0.60 22.93
C THR A 204 -19.14 1.90 23.35
N GLN A 205 -18.39 2.88 23.84
CA GLN A 205 -18.93 4.13 24.32
C GLN A 205 -19.80 4.76 23.23
N ALA A 206 -21.01 5.10 23.63
CA ALA A 206 -21.99 5.80 22.82
C ALA A 206 -21.56 7.27 22.62
N LEU A 207 -21.68 7.75 21.40
CA LEU A 207 -21.24 9.07 21.03
C LEU A 207 -22.43 10.00 21.08
N ASP A 208 -22.21 11.29 21.35
CA ASP A 208 -23.27 12.30 21.20
C ASP A 208 -23.72 12.43 19.75
N ALA A 209 -24.97 12.08 19.50
CA ALA A 209 -25.47 11.91 18.14
C ALA A 209 -25.50 13.21 17.29
N SER A 210 -25.49 14.37 17.94
CA SER A 210 -25.52 15.63 17.20
C SER A 210 -24.20 16.42 17.29
N GLN A 211 -23.13 15.78 17.77
CA GLN A 211 -21.82 16.42 17.81
C GLN A 211 -21.04 16.07 16.56
N ASP A 212 -20.12 16.95 16.20
CA ASP A 212 -19.26 16.75 15.04
C ASP A 212 -18.18 15.65 15.23
N TRP A 213 -17.58 15.24 14.10
CA TRP A 213 -16.60 14.12 14.00
C TRP A 213 -15.43 14.27 14.93
N SER A 214 -14.86 15.48 14.94
CA SER A 214 -13.69 15.82 15.77
C SER A 214 -14.01 15.90 17.24
N TYR A 215 -15.13 16.51 17.58
CA TYR A 215 -15.63 16.55 18.98
C TYR A 215 -15.70 15.11 19.51
N ASN A 216 -16.30 14.22 18.73
CA ASN A 216 -16.51 12.84 19.18
C ASN A 216 -15.22 12.06 19.30
N PHE A 217 -14.30 12.34 18.37
CA PHE A 217 -12.94 11.82 18.44
C PHE A 217 -12.27 12.24 19.77
N ALA A 218 -12.32 13.54 20.07
CA ALA A 218 -11.78 14.09 21.31
C ALA A 218 -12.40 13.45 22.57
N GLU A 219 -13.71 13.21 22.53
CA GLU A 219 -14.43 12.55 23.64
C GLU A 219 -13.89 11.12 23.83
N LEU A 220 -13.66 10.42 22.73
CA LEU A 220 -13.10 9.07 22.80
C LEU A 220 -11.62 9.06 23.25
N LEU A 221 -10.89 10.13 22.99
CA LEU A 221 -9.55 10.35 23.53
C LEU A 221 -9.53 10.70 25.01
N GLY A 222 -10.69 10.98 25.61
CA GLY A 222 -10.74 11.45 27.00
C GLY A 222 -10.57 12.97 27.13
N LYS A 223 -10.92 13.70 26.06
CA LYS A 223 -10.76 15.16 26.02
C LYS A 223 -12.05 15.83 25.61
N GLY A 224 -13.14 15.31 26.14
CA GLY A 224 -14.49 15.84 25.89
C GLY A 224 -14.77 17.03 26.76
N GLY A 225 -15.93 17.66 26.54
CA GLY A 225 -16.48 18.64 27.48
C GLY A 225 -16.05 20.06 27.20
N LYS A 226 -16.83 20.99 27.77
CA LYS A 226 -16.58 22.45 27.77
C LYS A 226 -15.15 22.85 28.05
N GLU A 227 -14.54 22.19 29.01
CA GLU A 227 -13.19 22.50 29.38
C GLU A 227 -12.17 22.34 28.23
N ASN A 228 -12.50 21.56 27.18
CA ASN A 228 -11.56 21.23 26.11
C ASN A 228 -11.98 21.86 24.76
N GLN A 229 -12.79 22.91 24.80
CA GLN A 229 -13.43 23.45 23.60
C GLN A 229 -12.43 24.09 22.60
N ASP A 230 -11.33 24.64 23.12
CA ASP A 230 -10.28 25.19 22.26
C ASP A 230 -9.54 24.05 21.58
N PHE A 231 -9.28 22.97 22.31
CA PHE A 231 -8.63 21.81 21.74
C PHE A 231 -9.51 21.17 20.66
N HIS A 232 -10.86 21.21 20.80
CA HIS A 232 -11.78 20.67 19.85
C HIS A 232 -11.64 21.48 18.55
N ASP A 233 -11.49 22.80 18.66
CA ASP A 233 -11.22 23.64 17.47
C ASP A 233 -9.89 23.35 16.82
N LEU A 234 -8.85 23.21 17.62
CA LEU A 234 -7.55 22.81 17.05
C LEU A 234 -7.61 21.52 16.24
N LEU A 235 -8.28 20.54 16.84
CA LEU A 235 -8.40 19.23 16.29
C LEU A 235 -9.18 19.31 14.98
N ARG A 236 -10.34 19.99 14.98
CA ARG A 236 -11.10 20.23 13.75
C ARG A 236 -10.23 20.82 12.64
N LEU A 237 -9.52 21.91 12.96
CA LEU A 237 -8.64 22.57 11.98
C LEU A 237 -7.51 21.65 11.51
N TYR A 238 -6.86 20.97 12.44
CA TYR A 238 -5.76 20.07 12.10
C TYR A 238 -6.27 18.99 11.10
N LEU A 239 -7.35 18.33 11.45
CA LEU A 239 -7.86 17.25 10.61
C LEU A 239 -8.31 17.77 9.23
N ALA A 240 -8.93 18.94 9.17
CA ALA A 240 -9.26 19.56 7.90
C ALA A 240 -8.05 19.94 7.03
N LEU A 241 -7.06 20.59 7.63
CA LEU A 241 -5.86 21.05 6.92
C LEU A 241 -5.02 19.92 6.32
N HIS A 242 -4.98 18.76 6.96
CA HIS A 242 -4.12 17.65 6.55
C HIS A 242 -4.78 16.57 5.69
N GLY A 243 -6.07 16.74 5.40
CA GLY A 243 -6.84 15.74 4.70
C GLY A 243 -6.37 15.40 3.30
N ASP A 244 -5.77 16.35 2.56
CA ASP A 244 -5.35 16.06 1.20
C ASP A 244 -4.31 17.01 0.79
N HIS A 245 -3.33 16.48 0.03
CA HIS A 245 -2.22 17.31 -0.47
C HIS A 245 -1.61 16.66 -1.70
N GLU A 246 -2.45 16.51 -2.73
CA GLU A 246 -2.07 15.98 -4.03
C GLU A 246 -1.92 14.45 -3.88
N GLY A 247 -1.69 13.77 -5.00
CA GLY A 247 -1.59 12.34 -5.05
C GLY A 247 -0.21 11.74 -4.93
N GLY A 248 0.83 12.57 -5.00
CA GLY A 248 2.23 12.14 -5.03
C GLY A 248 2.84 11.60 -3.72
N ASN A 249 2.32 12.06 -2.61
CA ASN A 249 2.81 11.63 -1.32
C ASN A 249 2.45 10.11 -1.11
N VAL A 250 3.31 9.44 -0.35
CA VAL A 250 3.29 7.97 -0.24
C VAL A 250 1.93 7.43 0.28
N SER A 251 1.28 8.14 1.20
CA SER A 251 0.04 7.66 1.78
C SER A 251 -1.14 7.71 0.78
N ALA A 252 -1.19 8.82 0.05
CA ALA A 252 -2.20 9.02 -0.95
C ALA A 252 -2.00 8.05 -2.11
N HIS A 253 -0.74 7.92 -2.52
CA HIS A 253 -0.41 7.10 -3.70
C HIS A 253 -0.61 5.61 -3.41
N ALA A 254 -0.20 5.17 -2.21
CA ALA A 254 -0.39 3.79 -1.85
C ALA A 254 -1.86 3.40 -1.79
N THR A 255 -2.68 4.30 -1.24
CA THR A 255 -4.14 4.09 -1.18
C THR A 255 -4.71 3.93 -2.60
N HIS A 256 -4.38 4.89 -3.46
CA HIS A 256 -4.76 4.83 -4.85
C HIS A 256 -4.28 3.54 -5.58
N LEU A 257 -3.03 3.16 -5.33
CA LEU A 257 -2.43 2.02 -5.99
C LEU A 257 -3.07 0.72 -5.64
N VAL A 258 -3.15 0.47 -4.34
CA VAL A 258 -3.86 -0.73 -3.85
C VAL A 258 -5.32 -0.73 -4.29
N GLY A 259 -5.94 0.46 -4.23
CA GLY A 259 -7.33 0.59 -4.60
C GLY A 259 -7.58 0.29 -6.04
N SER A 260 -6.58 0.59 -6.90
CA SER A 260 -6.69 0.38 -8.31
C SER A 260 -6.79 -1.08 -8.70
N ALA A 261 -6.35 -1.96 -7.83
CA ALA A 261 -6.54 -3.40 -8.02
C ALA A 261 -7.95 -3.91 -7.60
N LEU A 262 -8.81 -2.98 -7.13
CA LEU A 262 -10.16 -3.20 -6.64
C LEU A 262 -10.17 -3.82 -5.26
N SER A 263 -9.06 -3.69 -4.54
CA SER A 263 -9.09 -3.90 -3.10
C SER A 263 -10.01 -2.83 -2.53
N ASP A 264 -10.83 -3.22 -1.56
CA ASP A 264 -11.81 -2.29 -0.99
C ASP A 264 -11.10 -1.13 -0.19
N PRO A 265 -11.84 -0.09 0.21
CA PRO A 265 -11.29 1.06 0.87
C PRO A 265 -10.57 0.80 2.21
N PHE A 266 -11.00 -0.23 2.95
CA PHE A 266 -10.35 -0.62 4.18
C PHE A 266 -8.93 -1.17 3.93
N LEU A 267 -8.82 -2.09 2.97
CA LEU A 267 -7.50 -2.57 2.58
C LEU A 267 -6.64 -1.48 1.97
N SER A 268 -7.23 -0.63 1.12
CA SER A 268 -6.52 0.35 0.40
C SER A 268 -5.95 1.43 1.32
N TYR A 269 -6.77 1.94 2.24
CA TYR A 269 -6.27 2.96 3.14
C TYR A 269 -5.34 2.34 4.20
N SER A 270 -5.51 1.07 4.48
CA SER A 270 -4.55 0.40 5.32
C SER A 270 -3.11 0.46 4.68
N ALA A 271 -3.05 0.25 3.35
CA ALA A 271 -1.77 0.44 2.62
C ALA A 271 -1.23 1.86 2.76
N GLY A 272 -2.11 2.86 2.72
CA GLY A 272 -1.69 4.24 2.90
C GLY A 272 -1.08 4.47 4.27
N LEU A 273 -1.71 3.88 5.30
CA LEU A 273 -1.24 4.02 6.67
C LEU A 273 0.13 3.37 6.87
N LEU A 274 0.32 2.22 6.24
CA LEU A 274 1.62 1.58 6.19
C LEU A 274 2.73 2.47 5.54
N GLY A 275 2.35 3.21 4.51
CA GLY A 275 3.24 4.21 3.95
C GLY A 275 3.44 5.42 4.89
N LEU A 276 2.37 5.80 5.61
CA LEU A 276 2.49 6.89 6.59
C LEU A 276 3.37 6.51 7.78
N ALA A 277 3.49 5.22 8.07
CA ALA A 277 4.36 4.69 9.13
C ALA A 277 5.85 4.86 8.79
N GLY A 278 6.15 5.18 7.53
CA GLY A 278 7.52 5.27 7.07
C GLY A 278 8.15 6.53 7.62
N PRO A 279 9.34 6.43 8.20
CA PRO A 279 10.08 7.58 8.76
C PRO A 279 10.27 8.79 7.84
N LEU A 280 10.38 8.61 6.53
CA LEU A 280 10.49 9.73 5.57
C LEU A 280 9.14 10.31 5.14
N HIS A 281 8.03 9.81 5.69
CA HIS A 281 6.71 10.38 5.39
C HIS A 281 5.98 10.85 6.63
N GLY A 282 5.92 10.04 7.67
CA GLY A 282 4.96 10.26 8.76
C GLY A 282 5.43 11.08 9.93
N LEU A 283 6.72 11.43 9.99
CA LEU A 283 7.35 11.86 11.23
C LEU A 283 7.74 13.38 11.40
N ALA A 284 7.46 14.21 10.42
CA ALA A 284 7.88 15.63 10.47
C ALA A 284 7.43 16.42 11.69
N ALA A 285 6.18 16.23 12.10
CA ALA A 285 5.62 17.02 13.17
C ALA A 285 6.33 16.68 14.52
N GLN A 286 6.57 15.38 14.74
CA GLN A 286 7.34 14.90 15.89
C GLN A 286 8.75 15.49 15.90
N GLU A 287 9.41 15.52 14.73
CA GLU A 287 10.78 16.04 14.61
C GLU A 287 10.84 17.53 14.96
N VAL A 288 9.84 18.30 14.50
CA VAL A 288 9.81 19.70 14.84
C VAL A 288 9.67 19.88 16.34
N LEU A 289 8.74 19.17 16.96
CA LEU A 289 8.50 19.40 18.39
C LEU A 289 9.80 19.13 19.20
N ARG A 290 10.44 17.98 18.94
CA ARG A 290 11.73 17.61 19.56
C ARG A 290 12.79 18.72 19.43
N TRP A 291 12.99 19.17 18.17
CA TRP A 291 13.90 20.25 17.87
C TRP A 291 13.56 21.59 18.57
N ILE A 292 12.29 21.97 18.58
CA ILE A 292 11.86 23.18 19.30
C ILE A 292 12.10 23.07 20.81
N LEU A 293 11.75 21.95 21.42
CA LEU A 293 11.96 21.72 22.86
C LEU A 293 13.45 21.68 23.28
N ALA A 294 14.27 21.02 22.46
CA ALA A 294 15.74 21.10 22.62
C ALA A 294 16.27 22.54 22.45
N MET A 295 15.65 23.34 21.58
CA MET A 295 16.03 24.74 21.47
C MET A 295 15.64 25.51 22.72
N GLN A 296 14.39 25.36 23.14
CA GLN A 296 13.95 25.97 24.42
C GLN A 296 14.88 25.52 25.56
N ASP A 297 15.29 24.26 25.53
CA ASP A 297 16.11 23.74 26.59
C ASP A 297 17.48 24.41 26.73
N LYS A 298 18.11 24.68 25.58
CA LYS A 298 19.43 25.31 25.53
C LYS A 298 19.40 26.83 25.71
N ILE A 299 18.34 27.50 25.28
CA ILE A 299 18.31 28.96 25.29
C ILE A 299 17.41 29.55 26.36
N GLY A 300 16.53 28.74 26.98
CA GLY A 300 15.63 29.19 28.05
C GLY A 300 14.39 29.98 27.65
N THR A 301 13.65 30.48 28.65
CA THR A 301 12.46 31.36 28.41
C THR A 301 12.77 32.84 28.09
N LYS A 302 13.98 33.34 28.40
CA LYS A 302 14.34 34.78 28.23
C LYS A 302 15.13 35.07 26.93
N PHE A 303 14.90 34.23 25.93
CA PHE A 303 15.57 34.31 24.62
C PHE A 303 15.40 35.68 23.94
N THR A 304 16.37 36.01 23.08
CA THR A 304 16.34 37.16 22.18
C THR A 304 16.38 36.64 20.73
N ASP A 305 16.07 37.52 19.77
CA ASP A 305 16.33 37.30 18.34
C ASP A 305 17.74 36.69 18.10
N ASP A 306 18.75 37.30 18.72
CA ASP A 306 20.12 36.89 18.49
C ASP A 306 20.41 35.44 18.93
N ASP A 307 19.93 35.06 20.11
CA ASP A 307 19.96 33.66 20.57
C ASP A 307 19.32 32.71 19.57
N VAL A 308 18.14 33.05 19.09
CA VAL A 308 17.42 32.19 18.14
C VAL A 308 18.25 32.04 16.85
N ARG A 309 18.83 33.16 16.42
CA ARG A 309 19.66 33.22 15.22
C ARG A 309 20.94 32.33 15.34
N ASN A 310 21.61 32.42 16.49
CA ASN A 310 22.81 31.62 16.74
C ASN A 310 22.48 30.12 16.75
N TYR A 311 21.36 29.75 17.34
CA TYR A 311 20.98 28.35 17.45
C TYR A 311 20.61 27.76 16.08
N LEU A 312 19.95 28.57 15.26
CA LEU A 312 19.71 28.18 13.86
C LEU A 312 21.02 27.90 13.14
N TRP A 313 21.95 28.85 13.25
CA TRP A 313 23.28 28.72 12.62
C TRP A 313 24.08 27.54 13.20
N ASP A 314 24.04 27.35 14.51
CA ASP A 314 24.71 26.21 15.14
C ASP A 314 24.09 24.88 14.69
N THR A 315 22.78 24.85 14.44
CA THR A 315 22.17 23.64 13.90
C THR A 315 22.72 23.34 12.51
N LEU A 316 22.68 24.33 11.63
CA LEU A 316 23.16 24.21 10.26
C LEU A 316 24.70 23.95 10.11
N LYS A 317 25.48 24.52 11.00
CA LYS A 317 26.94 24.31 11.05
C LYS A 317 27.34 22.89 11.53
N SER A 318 26.50 22.27 12.36
CA SER A 318 26.62 20.85 12.72
C SER A 318 26.25 19.88 11.60
N GLY A 319 25.88 20.37 10.42
CA GLY A 319 25.39 19.51 9.35
C GLY A 319 23.93 19.13 9.43
N ARG A 320 23.16 19.69 10.37
CA ARG A 320 21.75 19.34 10.55
C ARG A 320 20.77 20.27 9.81
N VAL A 321 19.57 19.71 9.58
CA VAL A 321 18.42 20.35 8.97
C VAL A 321 17.62 21.17 10.02
N VAL A 322 16.96 22.23 9.57
CA VAL A 322 16.00 22.92 10.41
C VAL A 322 14.63 22.37 9.99
N PRO A 323 14.02 21.51 10.84
CA PRO A 323 12.82 20.80 10.39
C PRO A 323 11.61 21.71 10.31
N GLY A 324 10.70 21.31 9.43
CA GLY A 324 9.51 22.08 9.15
C GLY A 324 9.69 23.31 8.28
N TYR A 325 10.87 23.50 7.65
CA TYR A 325 11.15 24.62 6.74
C TYR A 325 11.58 24.04 5.43
N GLY A 326 11.20 24.72 4.33
CA GLY A 326 11.57 24.29 3.01
C GLY A 326 10.38 23.77 2.25
N HIS A 327 10.29 24.17 0.99
CA HIS A 327 9.48 23.42 0.04
C HIS A 327 10.19 23.37 -1.32
N GLY A 328 9.87 22.31 -2.10
CA GLY A 328 10.40 22.12 -3.45
C GLY A 328 9.91 23.13 -4.49
N VAL A 329 8.63 23.49 -4.36
CA VAL A 329 7.91 24.42 -5.24
C VAL A 329 7.42 25.71 -4.52
N LEU A 330 6.66 25.54 -3.42
CA LEU A 330 5.98 26.65 -2.75
C LEU A 330 6.95 27.74 -2.35
N ARG A 331 6.64 28.99 -2.73
CA ARG A 331 7.55 30.15 -2.55
C ARG A 331 7.06 31.21 -1.51
N LYS A 332 6.12 30.85 -0.64
CA LYS A 332 5.74 31.70 0.51
C LYS A 332 5.45 30.79 1.70
N PRO A 333 5.13 31.37 2.90
CA PRO A 333 4.77 30.44 3.95
C PRO A 333 3.61 29.53 3.49
N ASP A 334 3.56 28.30 4.02
CA ASP A 334 2.49 27.36 3.79
C ASP A 334 1.22 27.97 4.38
N PRO A 335 0.15 28.12 3.56
CA PRO A 335 -1.07 28.67 4.14
C PRO A 335 -1.71 27.76 5.25
N ARG A 336 -1.34 26.49 5.35
CA ARG A 336 -1.76 25.63 6.46
C ARG A 336 -1.05 26.04 7.77
N PHE A 337 0.23 26.35 7.67
CA PHE A 337 0.99 26.95 8.78
C PHE A 337 0.30 28.22 9.30
N GLN A 338 -0.04 29.10 8.39
CA GLN A 338 -0.68 30.38 8.73
C GLN A 338 -2.08 30.21 9.37
N ALA A 339 -2.87 29.31 8.85
CA ALA A 339 -4.15 28.98 9.45
C ALA A 339 -3.98 28.52 10.92
N LEU A 340 -2.96 27.71 11.23
CA LEU A 340 -2.66 27.36 12.63
C LEU A 340 -2.21 28.56 13.44
N MET A 341 -1.40 29.43 12.83
CA MET A 341 -0.98 30.63 13.49
C MET A 341 -2.14 31.52 13.77
N ASP A 342 -3.15 31.53 12.87
CA ASP A 342 -4.33 32.37 13.04
C ASP A 342 -5.22 31.82 14.17
N PHE A 343 -5.34 30.49 14.27
CA PHE A 343 -6.00 29.84 15.44
C PHE A 343 -5.33 30.34 16.74
N ALA A 344 -4.01 30.33 16.78
CA ALA A 344 -3.27 30.74 17.97
C ALA A 344 -3.50 32.20 18.33
N ALA A 345 -3.63 33.07 17.33
CA ALA A 345 -3.75 34.53 17.51
C ALA A 345 -4.88 34.99 18.46
N THR A 346 -5.92 34.18 18.61
CA THR A 346 -7.10 34.48 19.41
C THR A 346 -7.21 33.70 20.75
N ARG A 347 -6.19 32.92 21.08
CA ARG A 347 -6.14 32.14 22.32
C ARG A 347 -4.99 32.68 23.16
N PRO A 348 -5.28 33.60 24.09
CA PRO A 348 -4.19 34.20 24.87
C PRO A 348 -3.26 33.19 25.57
N ASP A 349 -3.81 32.05 26.00
CA ASP A 349 -3.02 31.05 26.71
C ASP A 349 -2.02 30.34 25.79
N VAL A 350 -2.38 30.10 24.53
CA VAL A 350 -1.42 29.62 23.52
C VAL A 350 -0.30 30.66 23.31
N LEU A 351 -0.67 31.91 23.14
CA LEU A 351 0.30 32.98 22.89
C LEU A 351 1.30 33.20 24.05
N ALA A 352 0.85 32.99 25.29
CA ALA A 352 1.70 33.06 26.52
C ALA A 352 2.59 31.85 26.72
N ASN A 353 2.37 30.77 25.98
CA ASN A 353 3.22 29.58 26.05
C ASN A 353 4.60 29.84 25.37
N PRO A 354 5.71 29.71 26.12
CA PRO A 354 6.98 30.08 25.48
C PRO A 354 7.34 29.21 24.25
N VAL A 355 6.85 27.98 24.23
CA VAL A 355 7.17 27.04 23.16
C VAL A 355 6.52 27.56 21.87
N PHE A 356 5.30 28.07 21.97
CA PHE A 356 4.66 28.78 20.85
C PHE A 356 5.42 30.07 20.47
N GLN A 357 5.77 30.88 21.48
CA GLN A 357 6.53 32.12 21.22
C GLN A 357 7.79 31.77 20.41
N LEU A 358 8.40 30.67 20.79
CA LEU A 358 9.59 30.19 20.10
C LEU A 358 9.31 29.76 18.64
N VAL A 359 8.22 29.03 18.41
CA VAL A 359 7.78 28.74 17.03
C VAL A 359 7.61 30.02 16.20
N LYS A 360 6.96 31.02 16.80
CA LYS A 360 6.62 32.25 16.11
C LYS A 360 7.87 33.07 15.72
N LYS A 361 8.73 33.33 16.73
CA LYS A 361 9.95 34.09 16.49
C LYS A 361 10.83 33.34 15.51
N ASN A 362 10.87 32.02 15.64
CA ASN A 362 11.62 31.22 14.72
C ASN A 362 11.09 31.36 13.27
N SER A 363 9.77 31.41 13.09
CA SER A 363 9.19 31.67 11.78
C SER A 363 9.51 33.04 11.19
N GLU A 364 9.87 34.01 12.03
CA GLU A 364 10.25 35.36 11.58
C GLU A 364 11.74 35.49 11.22
N ILE A 365 12.59 34.60 11.75
CA ILE A 365 14.06 34.69 11.59
C ILE A 365 14.62 33.60 10.69
N ALA A 366 14.07 32.38 10.78
CA ALA A 366 14.63 31.21 10.11
C ALA A 366 14.71 31.36 8.59
N PRO A 367 13.68 31.95 7.98
CA PRO A 367 13.73 32.01 6.53
C PRO A 367 14.95 32.77 6.02
N ALA A 368 15.33 33.88 6.67
CA ALA A 368 16.54 34.64 6.29
C ALA A 368 17.84 33.88 6.61
N VAL A 369 17.93 33.26 7.78
CA VAL A 369 19.11 32.47 8.10
C VAL A 369 19.28 31.35 7.06
N LEU A 370 18.21 30.59 6.77
CA LEU A 370 18.30 29.44 5.85
C LEU A 370 18.67 29.83 4.40
N THR A 371 18.21 31.00 3.96
CA THR A 371 18.58 31.56 2.65
C THR A 371 20.07 31.89 2.62
N GLU A 372 20.57 32.55 3.67
CA GLU A 372 21.97 32.88 3.81
C GLU A 372 22.84 31.62 3.86
N HIS A 373 22.33 30.58 4.52
CA HIS A 373 22.96 29.25 4.53
C HIS A 373 22.92 28.63 3.14
N GLY A 374 21.82 28.83 2.43
CA GLY A 374 21.72 28.56 1.00
C GLY A 374 21.47 27.17 0.47
N LYS A 375 21.37 26.15 1.33
CA LYS A 375 21.12 24.78 0.82
C LYS A 375 19.68 24.28 0.93
N THR A 376 18.79 25.13 1.45
CA THR A 376 17.39 24.74 1.60
C THR A 376 16.60 25.57 0.60
N LYS A 377 15.88 24.88 -0.31
CA LYS A 377 15.07 25.55 -1.33
C LYS A 377 13.90 26.10 -0.56
N ASN A 378 13.42 27.24 -1.05
CA ASN A 378 12.30 28.03 -0.47
C ASN A 378 12.07 27.81 1.02
N PRO A 379 12.85 28.52 1.84
CA PRO A 379 12.98 28.20 3.25
C PRO A 379 11.89 28.82 4.17
N HIS A 380 10.61 28.67 3.81
CA HIS A 380 9.51 29.20 4.56
C HIS A 380 8.90 28.10 5.42
N PRO A 381 8.26 28.47 6.54
CA PRO A 381 7.64 27.42 7.37
C PRO A 381 6.59 26.60 6.62
N ASN A 382 6.54 25.32 6.91
CA ASN A 382 5.44 24.52 6.47
C ASN A 382 4.59 24.17 7.69
N VAL A 383 3.47 23.51 7.44
CA VAL A 383 2.48 23.22 8.48
C VAL A 383 3.06 22.54 9.74
N ASP A 384 4.07 21.71 9.54
CA ASP A 384 4.72 20.92 10.59
C ASP A 384 5.47 21.76 11.57
N ALA A 385 5.84 22.96 11.16
CA ALA A 385 6.49 23.93 12.04
C ALA A 385 5.63 24.26 13.22
N ALA A 386 4.31 24.22 13.07
CA ALA A 386 3.42 24.61 14.14
C ALA A 386 2.59 23.50 14.78
N SER A 387 2.25 22.44 14.06
CA SER A 387 1.14 21.55 14.55
C SER A 387 1.47 20.84 15.83
N GLY A 388 2.69 20.31 15.91
CA GLY A 388 3.10 19.59 17.07
C GLY A 388 3.11 20.41 18.35
N VAL A 389 3.62 21.64 18.28
CA VAL A 389 3.69 22.51 19.45
C VAL A 389 2.28 22.88 19.95
N LEU A 390 1.31 23.03 19.04
CA LEU A 390 -0.07 23.30 19.41
C LEU A 390 -0.71 22.08 20.11
N PHE A 391 -0.52 20.87 19.57
CA PHE A 391 -0.94 19.69 20.32
C PHE A 391 -0.31 19.60 21.72
N TYR A 392 0.99 19.87 21.81
CA TYR A 392 1.78 19.82 23.09
C TYR A 392 1.19 20.76 24.11
N HIS A 393 0.82 21.96 23.66
CA HIS A 393 0.15 22.93 24.51
C HIS A 393 -1.13 22.40 25.13
N TYR A 394 -1.92 21.67 24.36
CA TYR A 394 -3.20 21.14 24.86
C TYR A 394 -3.05 19.82 25.61
N ALA A 395 -1.80 19.48 26.01
CA ALA A 395 -1.50 18.35 26.93
C ALA A 395 -1.58 17.00 26.21
N PHE A 396 -1.38 17.08 24.89
CA PHE A 396 -1.35 15.96 23.98
C PHE A 396 0.17 15.76 23.75
N GLN A 397 0.81 15.31 24.83
CA GLN A 397 2.27 15.30 25.01
C GLN A 397 2.81 13.86 24.88
N GLN A 398 2.26 13.09 23.91
CA GLN A 398 2.80 11.77 23.54
C GLN A 398 3.10 11.82 22.05
N PRO A 399 4.23 12.44 21.68
CA PRO A 399 4.54 12.68 20.26
C PRO A 399 4.59 11.41 19.36
N LEU A 400 4.89 10.26 19.94
CA LEU A 400 4.85 8.98 19.24
C LEU A 400 3.51 8.71 18.52
N TYR A 401 2.41 9.26 19.04
CA TYR A 401 1.06 9.13 18.51
C TYR A 401 0.61 10.21 17.54
N TYR A 402 1.40 11.26 17.29
CA TYR A 402 1.02 12.33 16.34
C TYR A 402 0.78 11.86 14.96
N THR A 403 1.47 10.82 14.53
CA THR A 403 1.23 10.25 13.23
C THR A 403 -0.14 9.56 13.20
N VAL A 404 -0.65 9.09 14.33
CA VAL A 404 -1.97 8.46 14.38
C VAL A 404 -3.04 9.49 14.03
N THR A 405 -2.92 10.66 14.60
CA THR A 405 -3.83 11.78 14.31
C THR A 405 -3.71 12.22 12.80
N PHE A 406 -2.48 12.26 12.27
CA PHE A 406 -2.25 12.52 10.85
C PHE A 406 -3.02 11.45 10.07
N GLY A 407 -2.90 10.20 10.49
CA GLY A 407 -3.64 9.09 9.87
C GLY A 407 -5.13 9.25 9.81
N VAL A 408 -5.71 9.82 10.85
CA VAL A 408 -7.15 10.11 10.84
C VAL A 408 -7.50 11.16 9.77
N SER A 409 -6.77 12.25 9.78
CA SER A 409 -6.95 13.35 8.79
C SER A 409 -6.78 12.86 7.39
N ARG A 410 -5.74 12.08 7.16
CA ARG A 410 -5.32 11.74 5.81
C ARG A 410 -6.18 10.61 5.20
N ALA A 411 -7.14 10.04 5.95
CA ALA A 411 -8.20 9.25 5.32
C ALA A 411 -9.02 10.07 4.34
N LEU A 412 -9.16 11.36 4.60
CA LEU A 412 -10.13 12.19 3.91
C LEU A 412 -9.86 12.25 2.45
N GLY A 413 -8.68 12.75 2.05
CA GLY A 413 -8.44 13.01 0.62
C GLY A 413 -8.29 11.77 -0.26
N PRO A 414 -7.55 10.76 0.20
CA PRO A 414 -7.37 9.56 -0.53
C PRO A 414 -8.66 8.75 -0.65
N LEU A 415 -9.56 8.81 0.32
CA LEU A 415 -10.82 8.10 0.16
C LEU A 415 -11.65 8.80 -0.90
N VAL A 416 -11.68 10.13 -0.89
CA VAL A 416 -12.31 10.90 -1.97
C VAL A 416 -11.81 10.44 -3.32
N GLN A 417 -10.50 10.38 -3.50
CA GLN A 417 -9.90 9.96 -4.81
C GLN A 417 -10.27 8.52 -5.20
N LEU A 418 -10.37 7.61 -4.23
CA LEU A 418 -10.86 6.24 -4.51
C LEU A 418 -12.24 6.18 -5.08
N ILE A 419 -13.12 6.97 -4.48
CA ILE A 419 -14.48 7.18 -4.96
C ILE A 419 -14.46 7.72 -6.40
N TRP A 420 -13.64 8.74 -6.67
CA TRP A 420 -13.54 9.27 -8.06
C TRP A 420 -12.95 8.24 -8.99
N ASP A 421 -11.93 7.50 -8.56
CA ASP A 421 -11.33 6.45 -9.39
C ASP A 421 -12.36 5.44 -9.86
N ARG A 422 -13.24 5.01 -8.96
CA ARG A 422 -14.23 3.96 -9.26
C ARG A 422 -15.39 4.51 -10.08
N ALA A 423 -15.73 5.78 -9.86
CA ALA A 423 -16.75 6.47 -10.63
C ALA A 423 -16.29 6.70 -12.08
N LEU A 424 -15.02 7.04 -12.25
CA LEU A 424 -14.48 7.22 -13.61
C LEU A 424 -13.98 5.95 -14.26
N GLY A 425 -13.84 4.85 -13.50
CA GLY A 425 -13.45 3.57 -14.06
C GLY A 425 -11.98 3.50 -14.42
N LEU A 426 -11.13 4.19 -13.65
CA LEU A 426 -9.71 4.17 -13.86
C LEU A 426 -9.15 2.77 -13.68
N PRO A 427 -8.13 2.41 -14.52
CA PRO A 427 -7.62 1.07 -14.50
C PRO A 427 -6.62 0.83 -13.36
N ILE A 428 -6.12 -0.40 -13.31
CA ILE A 428 -5.07 -0.78 -12.37
C ILE A 428 -3.84 0.07 -12.61
N GLU A 429 -3.23 0.61 -11.55
CA GLU A 429 -1.96 1.32 -11.73
C GLU A 429 -0.88 0.24 -11.97
N ARG A 430 -0.27 0.23 -13.14
CA ARG A 430 0.78 -0.72 -13.54
C ARG A 430 1.86 -0.12 -14.47
N PRO A 431 2.83 0.64 -13.91
CA PRO A 431 3.94 1.13 -14.72
C PRO A 431 4.79 0.00 -15.30
N LYS A 432 5.67 0.36 -16.23
CA LYS A 432 6.72 -0.52 -16.69
C LYS A 432 7.99 -0.35 -15.88
N SER A 433 8.69 -1.46 -15.58
CA SER A 433 9.98 -1.38 -14.86
C SER A 433 11.12 -1.69 -15.82
N ILE A 434 12.33 -1.41 -15.39
CA ILE A 434 13.54 -1.66 -16.18
C ILE A 434 14.71 -1.86 -15.22
N ASN A 435 15.68 -2.67 -15.63
CA ASN A 435 16.90 -2.94 -14.83
C ASN A 435 18.04 -1.99 -15.21
N LEU A 436 19.08 -1.94 -14.36
CA LEU A 436 20.20 -1.06 -14.67
C LEU A 436 20.82 -1.40 -16.01
N LEU A 437 20.98 -2.69 -16.29
CA LEU A 437 21.58 -3.12 -17.58
C LEU A 437 20.78 -2.66 -18.82
N GLY A 438 19.45 -2.57 -18.68
CA GLY A 438 18.57 -2.07 -19.72
C GLY A 438 18.71 -0.59 -19.95
N LEU A 439 19.09 0.16 -18.94
CA LEU A 439 19.34 1.61 -19.08
C LEU A 439 20.68 1.93 -19.73
N LYS A 440 21.68 1.10 -19.50
CA LYS A 440 23.03 1.31 -20.04
C LYS A 440 23.27 0.88 -21.52
N GLU B 8 31.37 -23.36 1.07
CA GLU B 8 30.98 -22.31 0.06
C GLU B 8 30.29 -21.13 0.74
N PRO B 9 30.32 -19.94 0.12
CA PRO B 9 29.64 -18.77 0.69
C PRO B 9 28.16 -19.04 1.03
N ASP B 10 27.72 -18.49 2.16
CA ASP B 10 26.30 -18.26 2.41
C ASP B 10 25.70 -17.09 1.61
N LEU B 11 24.37 -16.97 1.70
CA LEU B 11 23.66 -16.00 0.85
C LEU B 11 24.11 -14.56 1.06
N LYS B 12 24.22 -14.19 2.32
CA LYS B 12 24.66 -12.87 2.71
C LYS B 12 26.03 -12.54 2.17
N THR B 13 26.96 -13.48 2.35
CA THR B 13 28.31 -13.35 1.80
C THR B 13 28.28 -13.24 0.27
N ALA B 14 27.48 -14.07 -0.38
CA ALA B 14 27.35 -13.99 -1.85
C ALA B 14 26.82 -12.64 -2.34
N LEU B 15 25.87 -12.07 -1.59
CA LEU B 15 25.28 -10.77 -1.93
C LEU B 15 26.32 -9.70 -1.68
N LYS B 16 27.04 -9.84 -0.59
CA LYS B 16 28.06 -8.89 -0.26
C LYS B 16 29.12 -8.80 -1.37
N ALA B 17 29.43 -9.90 -2.04
CA ALA B 17 30.43 -9.88 -3.12
C ALA B 17 29.97 -9.24 -4.45
N VAL B 18 28.66 -9.12 -4.69
CA VAL B 18 28.16 -8.50 -5.94
C VAL B 18 27.70 -7.05 -5.76
N ILE B 19 27.66 -6.57 -4.52
CA ILE B 19 27.20 -5.23 -4.22
C ILE B 19 28.13 -4.21 -4.87
N PRO B 20 29.48 -4.36 -4.78
CA PRO B 20 30.33 -3.35 -5.42
C PRO B 20 30.10 -3.19 -6.93
N ALA B 21 29.93 -4.30 -7.65
CA ALA B 21 29.66 -4.25 -9.08
C ALA B 21 28.33 -3.58 -9.37
N LYS B 22 27.32 -3.87 -8.56
CA LYS B 22 26.06 -3.15 -8.74
C LYS B 22 26.17 -1.61 -8.48
N ARG B 23 26.85 -1.23 -7.41
CA ARG B 23 27.09 0.18 -7.13
C ARG B 23 27.89 0.90 -8.23
N GLU B 24 28.86 0.22 -8.83
CA GLU B 24 29.59 0.80 -9.96
C GLU B 24 28.68 0.92 -11.20
N LEU B 25 27.91 -0.12 -11.50
CA LEU B 25 26.94 -0.01 -12.59
C LEU B 25 25.98 1.13 -12.35
N PHE B 26 25.55 1.31 -11.11
CA PHE B 26 24.58 2.35 -10.83
C PHE B 26 25.15 3.73 -11.06
N LYS B 27 26.38 3.96 -10.58
CA LYS B 27 27.12 5.21 -10.80
C LYS B 27 27.24 5.58 -12.28
N GLN B 28 27.58 4.61 -13.10
CA GLN B 28 27.63 4.80 -14.55
C GLN B 28 26.29 5.21 -15.15
N VAL B 29 25.19 4.55 -14.76
CA VAL B 29 23.89 4.95 -15.24
C VAL B 29 23.51 6.37 -14.75
N LYS B 30 23.88 6.68 -13.51
CA LYS B 30 23.57 7.96 -12.92
C LYS B 30 24.32 9.11 -13.63
N GLU B 31 25.53 8.85 -14.10
CA GLU B 31 26.26 9.83 -14.90
C GLU B 31 25.51 10.21 -16.19
N ARG B 32 24.62 9.35 -16.61
CA ARG B 32 23.71 9.62 -17.71
C ARG B 32 22.31 10.06 -17.29
N SER B 33 22.20 10.78 -16.16
CA SER B 33 20.91 11.24 -15.67
C SER B 33 20.05 12.03 -16.65
N ASP B 34 20.67 12.87 -17.46
CA ASP B 34 19.90 13.79 -18.34
C ASP B 34 19.36 13.10 -19.59
N GLU B 35 19.74 11.85 -19.83
CA GLU B 35 19.31 11.08 -21.00
C GLU B 35 17.82 10.75 -21.06
N VAL B 36 17.19 11.08 -22.19
CA VAL B 36 15.74 10.83 -22.42
C VAL B 36 15.51 9.42 -22.89
N ILE B 37 14.59 8.71 -22.23
CA ILE B 37 14.25 7.34 -22.61
C ILE B 37 12.79 7.10 -23.07
N GLY B 38 11.94 8.10 -22.96
CA GLY B 38 10.51 7.92 -23.27
C GLY B 38 9.78 9.23 -23.19
N GLU B 39 8.50 9.21 -23.57
CA GLU B 39 7.60 10.36 -23.39
C GLU B 39 6.49 10.01 -22.41
N VAL B 40 5.96 11.05 -21.76
CA VAL B 40 4.76 10.93 -20.93
C VAL B 40 3.63 11.50 -21.77
N LYS B 41 2.61 10.68 -22.00
CA LYS B 41 1.41 11.14 -22.61
C LYS B 41 0.22 11.19 -21.66
N VAL B 42 -0.78 11.96 -22.09
CA VAL B 42 -2.05 12.01 -21.41
C VAL B 42 -2.50 10.59 -21.13
N ALA B 43 -2.47 9.69 -22.12
CA ALA B 43 -2.82 8.26 -21.89
C ALA B 43 -2.17 7.59 -20.66
N ASN B 44 -0.93 7.97 -20.35
CA ASN B 44 -0.21 7.44 -19.21
C ASN B 44 -0.79 7.98 -17.92
N VAL B 45 -1.23 9.23 -17.90
CA VAL B 45 -1.75 9.80 -16.66
C VAL B 45 -3.08 9.20 -16.23
N ILE B 46 -3.97 9.11 -17.20
CA ILE B 46 -5.32 8.55 -17.01
C ILE B 46 -5.39 7.04 -17.07
N GLY B 47 -4.35 6.39 -17.55
CA GLY B 47 -4.39 4.95 -17.84
C GLY B 47 -3.51 4.15 -16.91
N GLY B 48 -3.31 4.62 -15.68
CA GLY B 48 -2.62 3.86 -14.64
C GLY B 48 -1.15 3.63 -14.91
N MET B 49 -0.53 4.65 -15.52
CA MET B 49 0.85 4.62 -15.99
C MET B 49 1.17 3.50 -16.98
N ARG B 50 0.18 2.91 -17.61
CA ARG B 50 0.44 1.81 -18.54
C ARG B 50 1.36 2.27 -19.69
N GLY B 51 2.42 1.48 -19.91
CA GLY B 51 3.43 1.73 -20.95
C GLY B 51 4.60 2.60 -20.51
N LEU B 52 4.49 3.21 -19.32
CA LEU B 52 5.47 4.14 -18.83
C LEU B 52 6.62 3.41 -18.11
N LYS B 53 7.81 3.46 -18.72
CA LYS B 53 9.04 3.00 -18.10
C LYS B 53 9.49 4.02 -17.04
N SER B 54 9.18 3.77 -15.79
CA SER B 54 9.40 4.76 -14.75
C SER B 54 9.92 4.22 -13.43
N MET B 55 10.21 2.94 -13.35
CA MET B 55 10.76 2.37 -12.13
C MET B 55 11.83 1.33 -12.40
N LEU B 56 12.80 1.29 -11.51
CA LEU B 56 13.89 0.37 -11.53
C LEU B 56 13.50 -0.96 -10.86
N TRP B 57 13.87 -2.07 -11.51
CA TRP B 57 13.62 -3.42 -10.96
C TRP B 57 14.68 -4.35 -11.57
N GLU B 58 15.54 -4.92 -10.72
CA GLU B 58 16.77 -5.59 -11.19
C GLU B 58 16.57 -7.05 -11.57
N GLY B 59 15.69 -7.73 -10.85
CA GLY B 59 15.75 -9.16 -10.81
C GLY B 59 15.09 -9.84 -11.97
N SER B 60 14.08 -9.21 -12.55
CA SER B 60 13.32 -9.81 -13.62
C SER B 60 12.88 -8.73 -14.62
N VAL B 61 12.72 -9.13 -15.87
CA VAL B 61 12.34 -8.22 -16.96
C VAL B 61 11.34 -8.99 -17.77
N LEU B 62 10.19 -8.37 -17.98
CA LEU B 62 9.04 -9.06 -18.55
C LEU B 62 9.10 -8.64 -19.95
N ASP B 63 9.35 -9.65 -20.78
CA ASP B 63 9.43 -9.45 -22.18
C ASP B 63 8.05 -9.73 -22.78
N PRO B 64 7.48 -8.75 -23.53
CA PRO B 64 6.21 -8.93 -24.27
C PRO B 64 6.10 -10.15 -25.21
N GLU B 65 7.23 -10.62 -25.76
CA GLU B 65 7.23 -11.80 -26.61
C GLU B 65 7.58 -13.10 -25.89
N GLU B 66 8.54 -13.05 -24.96
CA GLU B 66 9.05 -14.28 -24.32
C GLU B 66 8.46 -14.53 -22.92
N GLY B 67 7.77 -13.55 -22.37
CA GLY B 67 7.40 -13.60 -20.98
C GLY B 67 8.58 -13.31 -20.07
N ILE B 68 8.40 -13.69 -18.82
CA ILE B 68 9.28 -13.21 -17.75
C ILE B 68 10.62 -13.91 -17.82
N ARG B 69 11.67 -13.14 -17.59
CA ARG B 69 13.02 -13.63 -17.47
C ARG B 69 13.70 -13.11 -16.22
N PHE B 70 14.53 -13.95 -15.64
CA PHE B 70 15.17 -13.70 -14.36
C PHE B 70 16.65 -13.63 -14.63
N HIS B 71 17.22 -12.44 -14.54
CA HIS B 71 18.61 -12.17 -14.99
C HIS B 71 18.87 -12.76 -16.36
N GLY B 72 17.93 -12.54 -17.28
CA GLY B 72 18.05 -13.06 -18.65
C GLY B 72 17.66 -14.53 -18.86
N LYS B 73 17.37 -15.26 -17.80
CA LYS B 73 17.04 -16.70 -17.89
C LYS B 73 15.57 -16.92 -18.08
N THR B 74 15.17 -17.79 -19.03
CA THR B 74 13.78 -18.21 -19.17
C THR B 74 13.36 -19.12 -18.00
N ILE B 75 12.07 -19.42 -17.92
CA ILE B 75 11.56 -20.37 -16.97
C ILE B 75 12.20 -21.73 -17.21
N LYS B 76 12.21 -22.17 -18.45
CA LYS B 76 12.89 -23.42 -18.85
C LYS B 76 14.36 -23.41 -18.44
N ASP B 77 15.10 -22.32 -18.67
CA ASP B 77 16.50 -22.22 -18.20
C ASP B 77 16.58 -22.41 -16.69
N CYS B 78 15.69 -21.77 -15.95
CA CYS B 78 15.67 -21.93 -14.49
C CYS B 78 15.29 -23.36 -14.05
N GLN B 79 14.34 -24.00 -14.72
CA GLN B 79 14.00 -25.38 -14.35
C GLN B 79 15.17 -26.33 -14.60
N LYS B 80 16.00 -26.03 -15.61
CA LYS B 80 17.18 -26.83 -15.87
C LYS B 80 18.33 -26.63 -14.91
N GLU B 81 18.59 -25.40 -14.50
CA GLU B 81 19.85 -25.03 -13.83
C GLU B 81 19.77 -24.94 -12.32
N LEU B 82 18.60 -24.64 -11.78
CA LEU B 82 18.41 -24.41 -10.36
C LEU B 82 18.37 -25.72 -9.57
N PRO B 83 19.01 -25.76 -8.41
CA PRO B 83 18.94 -26.93 -7.56
C PRO B 83 17.55 -27.41 -7.24
N LYS B 84 17.41 -28.73 -7.08
CA LYS B 84 16.12 -29.38 -6.74
C LYS B 84 16.14 -29.82 -5.27
N GLY B 85 15.01 -30.30 -4.81
CA GLY B 85 14.88 -30.85 -3.46
C GLY B 85 15.65 -32.15 -3.34
N THR B 86 15.73 -32.65 -2.10
CA THR B 86 16.34 -33.92 -1.81
C THR B 86 15.55 -34.99 -2.54
N SER B 87 14.25 -34.82 -2.70
CA SER B 87 13.48 -35.62 -3.68
C SER B 87 12.61 -34.70 -4.53
N GLY B 88 11.98 -35.29 -5.56
CA GLY B 88 11.22 -34.56 -6.54
C GLY B 88 12.01 -33.96 -7.70
N THR B 89 11.23 -33.42 -8.64
CA THR B 89 11.68 -33.03 -9.98
C THR B 89 11.72 -31.53 -10.16
N GLU B 90 11.10 -30.74 -9.27
CA GLU B 90 10.92 -29.33 -9.54
C GLU B 90 11.94 -28.42 -8.80
N MET B 91 12.33 -27.35 -9.48
CA MET B 91 13.28 -26.36 -8.98
C MET B 91 12.78 -25.75 -7.69
N LEU B 92 13.68 -25.40 -6.79
CA LEU B 92 13.32 -24.83 -5.53
C LEU B 92 13.14 -23.32 -5.59
N PRO B 93 12.05 -22.83 -4.98
CA PRO B 93 11.85 -21.39 -4.78
C PRO B 93 13.00 -20.69 -3.99
N GLU B 94 13.60 -21.37 -3.04
CA GLU B 94 14.80 -20.83 -2.35
C GLU B 94 15.96 -20.66 -3.29
N ALA B 95 16.12 -21.54 -4.24
CA ALA B 95 17.13 -21.33 -5.31
C ALA B 95 16.79 -20.16 -6.21
N MET B 96 15.53 -19.99 -6.54
CA MET B 96 15.09 -18.82 -7.34
C MET B 96 15.39 -17.52 -6.56
N PHE B 97 15.11 -17.51 -5.25
CA PHE B 97 15.44 -16.36 -4.45
C PHE B 97 16.93 -16.01 -4.56
N TRP B 98 17.78 -17.05 -4.49
CA TRP B 98 19.22 -16.87 -4.56
C TRP B 98 19.64 -16.22 -5.88
N LEU B 99 19.12 -16.75 -6.97
CA LEU B 99 19.35 -16.21 -8.30
C LEU B 99 18.85 -14.76 -8.46
N LEU B 100 17.62 -14.49 -8.07
CA LEU B 100 17.08 -13.11 -8.06
C LEU B 100 18.00 -12.16 -7.30
N LEU B 101 18.45 -12.57 -6.11
CA LEU B 101 19.21 -11.63 -5.29
C LEU B 101 20.59 -11.35 -5.81
N THR B 102 21.29 -12.42 -6.21
CA THR B 102 22.71 -12.39 -6.50
C THR B 102 23.13 -12.31 -7.99
N GLY B 103 22.20 -12.64 -8.88
CA GLY B 103 22.49 -12.82 -10.30
C GLY B 103 23.21 -14.13 -10.63
N GLN B 104 23.37 -15.03 -9.66
CA GLN B 104 24.15 -16.27 -9.82
C GLN B 104 23.31 -17.46 -9.41
N VAL B 105 23.60 -18.63 -9.95
CA VAL B 105 22.86 -19.87 -9.63
C VAL B 105 23.60 -20.53 -8.49
N PRO B 106 22.94 -20.81 -7.35
CA PRO B 106 23.70 -21.35 -6.23
C PRO B 106 24.04 -22.81 -6.51
N SER B 107 25.09 -23.34 -5.88
CA SER B 107 25.28 -24.80 -5.85
C SER B 107 24.17 -25.43 -5.02
N THR B 108 24.03 -26.75 -5.13
CA THR B 108 22.99 -27.46 -4.40
C THR B 108 23.24 -27.38 -2.90
N ASN B 109 24.46 -27.52 -2.45
CA ASN B 109 24.75 -27.42 -0.99
C ASN B 109 24.62 -26.01 -0.41
N GLN B 110 24.83 -24.98 -1.22
CA GLN B 110 24.42 -23.60 -0.82
C GLN B 110 22.93 -23.47 -0.54
N VAL B 111 22.10 -24.06 -1.39
CA VAL B 111 20.67 -24.03 -1.21
C VAL B 111 20.32 -24.82 0.03
N ARG B 112 20.96 -25.95 0.26
CA ARG B 112 20.67 -26.73 1.49
C ARG B 112 20.96 -25.90 2.75
N ALA B 113 22.09 -25.18 2.80
CA ALA B 113 22.37 -24.38 4.00
C ALA B 113 21.28 -23.27 4.10
N PHE B 114 20.89 -22.70 2.96
CA PHE B 114 19.80 -21.70 2.94
C PHE B 114 18.42 -22.29 3.38
N SER B 115 18.01 -23.45 2.87
CA SER B 115 16.76 -24.09 3.36
C SER B 115 16.78 -24.34 4.89
N ARG B 116 17.95 -24.67 5.45
CA ARG B 116 18.10 -24.91 6.85
C ARG B 116 17.85 -23.61 7.61
N GLU B 117 18.37 -22.48 7.08
CA GLU B 117 18.09 -21.17 7.71
C GLU B 117 16.58 -20.89 7.74
N LEU B 118 15.90 -21.09 6.62
CA LEU B 118 14.47 -20.84 6.56
C LEU B 118 13.65 -21.75 7.49
N ALA B 119 14.04 -22.99 7.68
CA ALA B 119 13.35 -23.86 8.64
C ALA B 119 13.57 -23.42 10.14
N GLU B 120 14.79 -23.07 10.46
CA GLU B 120 15.18 -22.57 11.82
C GLU B 120 14.61 -21.21 12.24
N GLN B 121 14.42 -20.30 11.31
CA GLN B 121 13.89 -18.95 11.64
C GLN B 121 12.38 -18.81 11.49
N SER B 122 11.69 -19.92 11.22
CA SER B 122 10.29 -19.97 11.02
C SER B 122 9.36 -19.76 12.21
N HIS B 123 9.88 -19.63 13.42
CA HIS B 123 9.02 -19.58 14.60
C HIS B 123 8.39 -18.18 14.79
N LEU B 124 7.28 -18.14 15.51
CA LEU B 124 6.51 -16.94 15.64
C LEU B 124 6.44 -16.48 17.10
N PRO B 125 6.54 -15.18 17.35
CA PRO B 125 6.23 -14.72 18.71
C PRO B 125 4.79 -15.07 19.11
N GLN B 126 4.53 -15.16 20.40
CA GLN B 126 3.26 -15.60 20.97
C GLN B 126 2.16 -14.67 20.56
N HIS B 127 2.47 -13.37 20.51
CA HIS B 127 1.43 -12.40 20.19
C HIS B 127 0.86 -12.56 18.78
N ILE B 128 1.63 -13.15 17.87
CA ILE B 128 1.10 -13.39 16.55
C ILE B 128 0.08 -14.53 16.59
N LEU B 129 0.30 -15.51 17.45
CA LEU B 129 -0.70 -16.59 17.65
C LEU B 129 -1.99 -16.00 18.22
N ASP B 130 -1.85 -15.11 19.20
CA ASP B 130 -3.02 -14.45 19.83
C ASP B 130 -3.82 -13.61 18.82
N LEU B 131 -3.10 -12.83 17.99
CA LEU B 131 -3.69 -11.99 16.99
C LEU B 131 -4.51 -12.86 16.01
N ILE B 132 -3.89 -13.87 15.45
CA ILE B 132 -4.57 -14.80 14.52
C ILE B 132 -5.83 -15.49 15.12
N LYS B 133 -5.74 -15.92 16.37
CA LYS B 133 -6.89 -16.51 17.10
C LYS B 133 -8.02 -15.54 17.34
N SER B 134 -7.73 -14.24 17.39
CA SER B 134 -8.79 -13.23 17.45
C SER B 134 -9.54 -13.06 16.14
N PHE B 135 -9.00 -13.47 14.99
CA PHE B 135 -9.68 -13.22 13.72
C PHE B 135 -11.01 -13.98 13.70
N PRO B 136 -12.09 -13.34 13.21
CA PRO B 136 -13.26 -14.17 12.90
C PRO B 136 -12.96 -15.16 11.76
N ARG B 137 -13.62 -16.30 11.78
CA ARG B 137 -13.37 -17.33 10.75
C ARG B 137 -13.84 -16.92 9.35
N SER B 138 -14.78 -15.96 9.28
CA SER B 138 -15.25 -15.38 8.03
C SER B 138 -14.35 -14.23 7.44
N MET B 139 -13.30 -13.82 8.17
CA MET B 139 -12.36 -12.86 7.66
C MET B 139 -11.66 -13.50 6.47
N HIS B 140 -11.69 -12.80 5.35
CA HIS B 140 -11.06 -13.24 4.12
C HIS B 140 -9.57 -13.65 4.38
N PRO B 141 -9.11 -14.76 3.76
CA PRO B 141 -7.78 -15.22 4.12
C PRO B 141 -6.64 -14.25 3.80
N MET B 142 -6.75 -13.51 2.70
CA MET B 142 -5.73 -12.49 2.36
C MET B 142 -5.67 -11.31 3.29
N THR B 143 -6.80 -10.96 3.88
CA THR B 143 -6.85 -9.94 4.93
C THR B 143 -6.08 -10.46 6.13
N GLN B 144 -6.34 -11.72 6.49
CA GLN B 144 -5.66 -12.37 7.65
C GLN B 144 -4.16 -12.37 7.42
N LEU B 145 -3.76 -12.73 6.18
CA LEU B 145 -2.34 -12.86 5.85
C LEU B 145 -1.67 -11.46 5.89
N SER B 146 -2.29 -10.47 5.28
CA SER B 146 -1.70 -9.12 5.26
C SER B 146 -1.51 -8.61 6.69
N ILE B 147 -2.52 -8.79 7.52
CA ILE B 147 -2.48 -8.32 8.88
C ILE B 147 -1.42 -8.96 9.71
N ALA B 148 -1.34 -10.27 9.69
CA ALA B 148 -0.29 -10.99 10.45
C ALA B 148 1.16 -10.70 9.98
N VAL B 149 1.37 -10.46 8.70
CA VAL B 149 2.72 -9.99 8.20
C VAL B 149 3.09 -8.60 8.76
N ALA B 150 2.16 -7.65 8.65
CA ALA B 150 2.33 -6.33 9.26
C ALA B 150 2.69 -6.41 10.74
N ALA B 151 1.94 -7.25 11.46
CA ALA B 151 2.15 -7.44 12.91
C ALA B 151 3.55 -7.97 13.26
N LEU B 152 4.12 -8.75 12.35
CA LEU B 152 5.49 -9.18 12.50
C LEU B 152 6.54 -8.05 12.53
N ASN B 153 6.15 -6.78 12.24
CA ASN B 153 7.05 -5.61 12.34
C ASN B 153 7.59 -5.38 13.77
N THR B 154 6.90 -5.92 14.78
CA THR B 154 7.44 -5.95 16.12
C THR B 154 8.84 -6.62 16.14
N GLU B 155 9.12 -7.52 15.19
CA GLU B 155 10.44 -8.19 15.11
C GLU B 155 11.42 -7.54 14.11
N SER B 156 11.12 -6.35 13.58
CA SER B 156 11.96 -5.84 12.50
C SER B 156 13.30 -5.33 13.03
N LYS B 157 14.39 -5.91 12.54
CA LYS B 157 15.73 -5.33 12.76
C LYS B 157 15.92 -3.98 12.06
N PHE B 158 15.36 -3.80 10.86
CA PHE B 158 15.55 -2.52 10.19
C PHE B 158 14.90 -1.42 11.00
N ALA B 159 13.67 -1.65 11.45
CA ALA B 159 12.92 -0.56 12.09
C ALA B 159 13.62 -0.09 13.37
N LYS B 160 14.11 -1.04 14.18
CA LYS B 160 14.88 -0.69 15.37
C LYS B 160 16.23 -0.06 15.05
N ALA B 161 16.97 -0.63 14.09
CA ALA B 161 18.30 -0.08 13.79
C ALA B 161 18.17 1.36 13.28
N TYR B 162 17.14 1.57 12.46
CA TYR B 162 16.86 2.89 11.93
C TYR B 162 16.54 3.89 13.03
N GLU B 163 15.71 3.48 13.97
CA GLU B 163 15.30 4.32 15.12
C GLU B 163 16.51 4.75 15.97
N LYS B 164 17.57 3.94 16.00
CA LYS B 164 18.81 4.28 16.73
C LYS B 164 19.76 5.27 16.03
N GLY B 165 19.57 5.49 14.73
CA GLY B 165 20.55 6.18 13.91
C GLY B 165 21.34 5.10 13.19
N LEU B 166 21.27 5.16 11.88
CA LEU B 166 21.81 4.13 11.01
C LEU B 166 22.30 4.85 9.76
N SER B 167 23.53 4.59 9.35
CA SER B 167 24.05 5.23 8.13
C SER B 167 23.36 4.58 6.92
N LYS B 168 23.31 5.34 5.86
CA LYS B 168 22.71 4.88 4.60
C LYS B 168 23.41 3.64 4.02
N ALA B 169 24.72 3.57 4.21
CA ALA B 169 25.55 2.45 3.81
C ALA B 169 25.23 1.14 4.56
N ASP B 170 24.73 1.26 5.78
CA ASP B 170 24.31 0.09 6.59
C ASP B 170 22.83 -0.31 6.42
N TYR B 171 22.02 0.43 5.67
CA TYR B 171 20.61 0.09 5.49
C TYR B 171 20.35 -1.36 4.98
N TRP B 172 21.16 -1.81 4.03
CA TRP B 172 20.82 -3.02 3.29
C TRP B 172 20.83 -4.30 4.15
N GLU B 173 21.70 -4.36 5.16
CA GLU B 173 21.92 -5.60 5.93
C GLU B 173 20.77 -6.00 6.88
N PRO B 174 20.24 -5.05 7.68
CA PRO B 174 19.02 -5.27 8.41
C PRO B 174 17.81 -5.48 7.47
N THR B 175 17.81 -4.88 6.30
CA THR B 175 16.78 -5.15 5.33
C THR B 175 16.86 -6.61 4.91
N PHE B 176 18.07 -7.10 4.64
CA PHE B 176 18.32 -8.49 4.32
C PHE B 176 17.88 -9.44 5.46
N ASP B 177 18.30 -9.13 6.67
CA ASP B 177 17.94 -9.98 7.86
C ASP B 177 16.43 -10.07 8.04
N ASP B 178 15.72 -8.94 7.93
CA ASP B 178 14.26 -8.96 7.96
C ASP B 178 13.58 -9.70 6.83
N SER B 179 14.12 -9.54 5.61
CA SER B 179 13.63 -10.27 4.43
C SER B 179 13.69 -11.80 4.65
N ILE B 180 14.81 -12.27 5.15
CA ILE B 180 15.00 -13.70 5.41
C ILE B 180 14.05 -14.16 6.54
N SER B 181 13.92 -13.34 7.57
CA SER B 181 12.99 -13.62 8.65
C SER B 181 11.55 -13.75 8.15
N LEU B 182 11.16 -12.81 7.27
CA LEU B 182 9.83 -12.83 6.71
C LEU B 182 9.59 -14.10 5.86
N LEU B 183 10.54 -14.40 4.97
CA LEU B 183 10.42 -15.59 4.16
C LEU B 183 10.26 -16.87 4.98
N ALA B 184 11.07 -16.99 6.04
CA ALA B 184 11.00 -18.11 6.96
C ALA B 184 9.64 -18.31 7.65
N LYS B 185 9.02 -17.21 8.05
CA LYS B 185 7.79 -17.20 8.81
C LYS B 185 6.50 -17.23 8.01
N ILE B 186 6.53 -16.70 6.78
CA ILE B 186 5.34 -16.52 6.05
C ILE B 186 4.59 -17.83 5.73
N PRO B 187 5.28 -18.95 5.46
CA PRO B 187 4.48 -20.20 5.22
C PRO B 187 3.76 -20.68 6.46
N ARG B 188 4.32 -20.42 7.64
CA ARG B 188 3.70 -20.82 8.88
C ARG B 188 2.45 -19.91 9.09
N VAL B 189 2.60 -18.58 8.84
CA VAL B 189 1.44 -17.67 8.98
C VAL B 189 0.33 -18.16 7.98
N ALA B 190 0.72 -18.39 6.73
CA ALA B 190 -0.23 -18.94 5.78
C ALA B 190 -0.99 -20.20 6.25
N ALA B 191 -0.27 -21.14 6.84
CA ALA B 191 -0.89 -22.39 7.30
C ALA B 191 -1.86 -22.16 8.45
N LEU B 192 -1.57 -21.14 9.27
CA LEU B 192 -2.41 -20.75 10.38
C LEU B 192 -3.74 -20.16 9.91
N VAL B 193 -3.68 -19.42 8.79
CA VAL B 193 -4.85 -18.91 8.07
C VAL B 193 -5.73 -20.11 7.65
N PHE B 194 -5.11 -21.16 7.09
CA PHE B 194 -5.78 -22.40 6.67
C PHE B 194 -6.33 -23.27 7.76
N ARG B 195 -5.72 -23.20 8.95
CA ARG B 195 -5.99 -24.14 10.04
C ARG B 195 -6.27 -23.42 11.35
N PRO B 196 -7.38 -22.66 11.39
CA PRO B 196 -7.68 -21.81 12.50
C PRO B 196 -8.08 -22.61 13.76
N ASP B 197 -8.49 -23.87 13.64
CA ASP B 197 -8.72 -24.70 14.85
C ASP B 197 -7.46 -25.27 15.50
N GLU B 198 -6.30 -25.10 14.88
CA GLU B 198 -5.07 -25.75 15.37
C GLU B 198 -3.93 -24.74 15.55
N VAL B 199 -4.25 -23.53 15.98
CA VAL B 199 -3.26 -22.44 15.94
C VAL B 199 -2.04 -22.73 16.86
N ASP B 200 -2.31 -23.19 18.09
CA ASP B 200 -1.22 -23.54 19.03
C ASP B 200 -0.27 -24.65 18.53
N GLN B 201 -0.81 -25.70 17.92
CA GLN B 201 0.00 -26.81 17.35
C GLN B 201 0.80 -26.37 16.12
N VAL B 202 0.11 -26.00 15.04
CA VAL B 202 0.74 -25.60 13.78
C VAL B 202 1.66 -24.37 13.91
N GLY B 203 1.35 -23.47 14.84
CA GLY B 203 2.12 -22.24 15.01
C GLY B 203 3.41 -22.42 15.79
N THR B 204 3.59 -23.57 16.46
CA THR B 204 4.84 -23.84 17.20
C THR B 204 5.58 -25.12 16.73
N GLN B 205 4.94 -25.89 15.85
CA GLN B 205 5.49 -27.14 15.37
C GLN B 205 6.89 -26.87 14.76
N ALA B 206 7.87 -27.63 15.19
CA ALA B 206 9.22 -27.56 14.67
C ALA B 206 9.27 -28.18 13.25
N LEU B 207 9.97 -27.53 12.35
CA LEU B 207 10.04 -27.94 10.98
C LEU B 207 11.25 -28.81 10.75
N ASP B 208 11.14 -29.80 9.88
CA ASP B 208 12.26 -30.70 9.52
C ASP B 208 13.43 -29.93 8.94
N ALA B 209 14.54 -29.95 9.65
CA ALA B 209 15.68 -29.07 9.39
C ALA B 209 16.38 -29.33 8.04
N SER B 210 16.17 -30.47 7.42
CA SER B 210 16.81 -30.79 6.15
C SER B 210 15.84 -30.75 4.97
N GLN B 211 14.56 -30.37 5.22
CA GLN B 211 13.59 -30.33 4.15
C GLN B 211 13.56 -28.92 3.57
N ASP B 212 13.16 -28.84 2.32
CA ASP B 212 13.03 -27.55 1.63
C ASP B 212 11.80 -26.74 2.10
N TRP B 213 11.76 -25.46 1.70
CA TRP B 213 10.76 -24.46 2.16
C TRP B 213 9.34 -24.87 1.87
N SER B 214 9.12 -25.37 0.66
CA SER B 214 7.81 -25.81 0.15
C SER B 214 7.33 -27.08 0.82
N TYR B 215 8.24 -28.07 0.96
CA TYR B 215 7.92 -29.30 1.71
C TYR B 215 7.40 -28.93 3.10
N ASN B 216 8.10 -28.03 3.78
CA ASN B 216 7.74 -27.66 5.14
C ASN B 216 6.44 -26.91 5.25
N PHE B 217 6.22 -26.03 4.26
CA PHE B 217 4.94 -25.40 4.07
C PHE B 217 3.78 -26.43 3.98
N ALA B 218 3.96 -27.40 3.08
CA ALA B 218 3.00 -28.48 2.86
C ALA B 218 2.73 -29.28 4.15
N GLU B 219 3.78 -29.55 4.92
CA GLU B 219 3.66 -30.23 6.21
C GLU B 219 2.82 -29.41 7.20
N LEU B 220 3.04 -28.10 7.22
CA LEU B 220 2.23 -27.23 8.06
C LEU B 220 0.77 -27.12 7.61
N LEU B 221 0.52 -27.29 6.31
CA LEU B 221 -0.82 -27.39 5.73
C LEU B 221 -1.50 -28.71 6.05
N GLY B 222 -0.77 -29.68 6.57
CA GLY B 222 -1.30 -31.01 6.81
C GLY B 222 -1.16 -31.92 5.60
N LYS B 223 -0.21 -31.60 4.71
CA LYS B 223 -0.01 -32.35 3.47
C LYS B 223 1.41 -32.83 3.32
N GLY B 224 1.95 -33.29 4.43
CA GLY B 224 3.30 -33.85 4.47
C GLY B 224 3.29 -35.29 4.00
N GLY B 225 4.50 -35.88 3.90
CA GLY B 225 4.68 -37.31 3.70
C GLY B 225 4.62 -37.79 2.25
N LYS B 226 5.08 -39.03 2.07
CA LYS B 226 5.20 -39.73 0.78
C LYS B 226 3.96 -39.65 -0.08
N GLU B 227 2.80 -39.80 0.55
CA GLU B 227 1.57 -39.78 -0.19
C GLU B 227 1.31 -38.46 -0.95
N ASN B 228 1.98 -37.36 -0.55
CA ASN B 228 1.72 -36.03 -1.09
C ASN B 228 2.89 -35.48 -1.95
N GLN B 229 3.73 -36.38 -2.44
CA GLN B 229 5.00 -35.97 -3.05
C GLN B 229 4.85 -35.25 -4.41
N ASP B 230 3.78 -35.55 -5.16
CA ASP B 230 3.47 -34.82 -6.38
C ASP B 230 3.02 -33.40 -6.01
N PHE B 231 2.20 -33.27 -4.98
CA PHE B 231 1.77 -31.98 -4.50
C PHE B 231 2.96 -31.12 -4.02
N HIS B 232 3.99 -31.74 -3.42
CA HIS B 232 5.17 -31.03 -2.94
C HIS B 232 5.91 -30.45 -4.17
N ASP B 233 5.98 -31.23 -5.24
CA ASP B 233 6.56 -30.69 -6.51
C ASP B 233 5.74 -29.59 -7.14
N LEU B 234 4.42 -29.74 -7.16
CA LEU B 234 3.55 -28.63 -7.63
C LEU B 234 3.80 -27.32 -6.88
N LEU B 235 3.86 -27.47 -5.57
CA LEU B 235 4.03 -26.36 -4.69
C LEU B 235 5.36 -25.66 -4.94
N ARG B 236 6.44 -26.43 -5.00
CA ARG B 236 7.76 -25.88 -5.36
C ARG B 236 7.73 -25.10 -6.65
N LEU B 237 7.17 -25.70 -7.72
CA LEU B 237 7.07 -25.05 -9.01
C LEU B 237 6.22 -23.78 -8.94
N TYR B 238 5.06 -23.88 -8.32
CA TYR B 238 4.15 -22.75 -8.22
C TYR B 238 4.85 -21.57 -7.51
N LEU B 239 5.47 -21.84 -6.37
CA LEU B 239 6.10 -20.82 -5.59
C LEU B 239 7.28 -20.18 -6.31
N ALA B 240 8.06 -20.99 -7.04
CA ALA B 240 9.13 -20.43 -7.88
C ALA B 240 8.60 -19.57 -9.06
N LEU B 241 7.59 -20.05 -9.76
CA LEU B 241 6.99 -19.33 -10.90
C LEU B 241 6.40 -17.97 -10.56
N HIS B 242 5.80 -17.83 -9.36
CA HIS B 242 5.10 -16.62 -8.97
C HIS B 242 5.92 -15.61 -8.14
N GLY B 243 7.18 -15.92 -7.84
CA GLY B 243 7.97 -15.08 -6.99
C GLY B 243 8.26 -13.64 -7.45
N ASP B 244 8.30 -13.43 -8.77
CA ASP B 244 8.62 -12.13 -9.28
C ASP B 244 8.08 -12.01 -10.68
N HIS B 245 7.65 -10.80 -11.03
CA HIS B 245 7.17 -10.49 -12.35
C HIS B 245 7.32 -9.02 -12.67
N GLU B 246 8.53 -8.52 -12.62
CA GLU B 246 8.85 -7.06 -12.83
C GLU B 246 8.39 -6.28 -11.66
N GLY B 247 8.65 -4.97 -11.71
CA GLY B 247 8.23 -4.05 -10.67
C GLY B 247 6.90 -3.39 -10.84
N GLY B 248 6.30 -3.54 -12.04
CA GLY B 248 5.05 -2.88 -12.36
C GLY B 248 3.77 -3.44 -11.76
N ASN B 249 3.77 -4.72 -11.41
CA ASN B 249 2.59 -5.32 -10.83
C ASN B 249 2.31 -4.69 -9.42
N VAL B 250 1.06 -4.66 -9.03
CA VAL B 250 0.59 -3.90 -7.87
C VAL B 250 1.28 -4.35 -6.56
N SER B 251 1.53 -5.65 -6.40
CA SER B 251 2.09 -6.16 -5.15
C SER B 251 3.57 -5.78 -5.03
N ALA B 252 4.30 -5.90 -6.14
CA ALA B 252 5.70 -5.54 -6.17
C ALA B 252 5.87 -4.05 -5.99
N HIS B 253 5.04 -3.30 -6.67
CA HIS B 253 5.12 -1.82 -6.65
C HIS B 253 4.75 -1.24 -5.27
N ALA B 254 3.72 -1.77 -4.65
CA ALA B 254 3.28 -1.35 -3.35
C ALA B 254 4.37 -1.62 -2.29
N THR B 255 4.99 -2.79 -2.39
CA THR B 255 6.10 -3.14 -1.52
C THR B 255 7.26 -2.14 -1.68
N HIS B 256 7.69 -1.94 -2.94
CA HIS B 256 8.66 -0.92 -3.25
C HIS B 256 8.30 0.50 -2.77
N LEU B 257 7.05 0.91 -2.97
CA LEU B 257 6.58 2.28 -2.64
C LEU B 257 6.60 2.52 -1.15
N VAL B 258 5.95 1.64 -0.41
CA VAL B 258 5.98 1.71 1.06
C VAL B 258 7.38 1.59 1.59
N GLY B 259 8.17 0.71 0.99
CA GLY B 259 9.56 0.50 1.38
C GLY B 259 10.40 1.76 1.17
N SER B 260 10.07 2.54 0.13
CA SER B 260 10.86 3.69 -0.23
C SER B 260 10.73 4.84 0.80
N ALA B 261 9.69 4.78 1.64
CA ALA B 261 9.57 5.65 2.77
C ALA B 261 10.35 5.18 4.01
N LEU B 262 11.10 4.08 3.87
CA LEU B 262 11.92 3.40 4.88
C LEU B 262 11.07 2.66 5.89
N SER B 263 9.84 2.30 5.48
CA SER B 263 9.11 1.31 6.23
C SER B 263 9.85 0.02 6.09
N ASP B 264 9.96 -0.75 7.19
CA ASP B 264 10.66 -2.06 7.13
C ASP B 264 9.93 -3.11 6.19
N PRO B 265 10.57 -4.23 5.88
CA PRO B 265 10.03 -5.24 4.99
C PRO B 265 8.72 -5.92 5.42
N PHE B 266 8.46 -5.98 6.73
CA PHE B 266 7.18 -6.50 7.21
C PHE B 266 6.00 -5.58 6.89
N LEU B 267 6.17 -4.31 7.18
CA LEU B 267 5.22 -3.32 6.74
C LEU B 267 5.08 -3.22 5.24
N SER B 268 6.21 -3.22 4.54
CA SER B 268 6.22 -2.97 3.14
C SER B 268 5.57 -4.12 2.39
N TYR B 269 5.88 -5.35 2.74
CA TYR B 269 5.27 -6.48 2.07
C TYR B 269 3.83 -6.66 2.54
N SER B 270 3.49 -6.20 3.70
CA SER B 270 2.09 -6.17 4.07
C SER B 270 1.25 -5.32 3.08
N ALA B 271 1.79 -4.16 2.69
CA ALA B 271 1.18 -3.34 1.64
C ALA B 271 1.06 -4.11 0.33
N GLY B 272 2.10 -4.87 -0.04
CA GLY B 272 2.04 -5.71 -1.22
C GLY B 272 0.91 -6.72 -1.15
N LEU B 273 0.75 -7.36 -0.01
CA LEU B 273 -0.32 -8.37 0.18
C LEU B 273 -1.71 -7.79 0.09
N LEU B 274 -1.86 -6.58 0.62
CA LEU B 274 -3.08 -5.83 0.45
C LEU B 274 -3.40 -5.52 -1.02
N GLY B 275 -2.38 -5.23 -1.80
CA GLY B 275 -2.54 -5.12 -3.26
C GLY B 275 -2.81 -6.47 -3.92
N LEU B 276 -2.19 -7.54 -3.39
CA LEU B 276 -2.44 -8.87 -3.95
C LEU B 276 -3.86 -9.35 -3.65
N ALA B 277 -4.49 -8.80 -2.60
CA ALA B 277 -5.86 -9.13 -2.25
C ALA B 277 -6.88 -8.58 -3.26
N GLY B 278 -6.42 -7.72 -4.16
CA GLY B 278 -7.31 -7.09 -5.13
C GLY B 278 -7.80 -8.14 -6.13
N PRO B 279 -9.10 -8.16 -6.42
CA PRO B 279 -9.67 -8.89 -7.57
C PRO B 279 -8.96 -8.78 -8.92
N LEU B 280 -8.38 -7.64 -9.26
CA LEU B 280 -7.68 -7.49 -10.55
C LEU B 280 -6.20 -7.90 -10.47
N HIS B 281 -5.74 -8.36 -9.31
CA HIS B 281 -4.37 -8.80 -9.16
C HIS B 281 -4.29 -10.23 -8.62
N GLY B 282 -4.13 -10.44 -7.32
CA GLY B 282 -3.90 -11.81 -6.81
C GLY B 282 -5.14 -12.69 -6.73
N LEU B 283 -6.32 -12.12 -6.61
CA LEU B 283 -7.52 -12.95 -6.55
C LEU B 283 -7.94 -13.54 -7.93
N ALA B 284 -7.25 -13.22 -9.04
CA ALA B 284 -7.58 -13.78 -10.34
C ALA B 284 -7.68 -15.31 -10.42
N ALA B 285 -6.75 -15.99 -9.79
CA ALA B 285 -6.71 -17.44 -9.79
C ALA B 285 -7.93 -18.08 -9.13
N GLN B 286 -8.34 -17.53 -7.97
CA GLN B 286 -9.58 -17.90 -7.28
C GLN B 286 -10.79 -17.72 -8.19
N GLU B 287 -10.85 -16.57 -8.88
CA GLU B 287 -11.99 -16.24 -9.78
C GLU B 287 -12.06 -17.26 -10.94
N VAL B 288 -10.92 -17.64 -11.50
CA VAL B 288 -10.87 -18.65 -12.56
C VAL B 288 -11.48 -19.96 -12.03
N LEU B 289 -11.02 -20.41 -10.87
CA LEU B 289 -11.49 -21.72 -10.42
C LEU B 289 -13.03 -21.74 -10.23
N ARG B 290 -13.56 -20.69 -9.60
CA ARG B 290 -15.03 -20.48 -9.45
C ARG B 290 -15.79 -20.52 -10.78
N TRP B 291 -15.30 -19.75 -11.75
CA TRP B 291 -15.84 -19.72 -13.12
C TRP B 291 -15.78 -21.10 -13.81
N ILE B 292 -14.65 -21.82 -13.69
CA ILE B 292 -14.55 -23.16 -14.23
C ILE B 292 -15.55 -24.13 -13.59
N LEU B 293 -15.67 -24.12 -12.27
CA LEU B 293 -16.61 -24.96 -11.52
C LEU B 293 -18.08 -24.69 -11.80
N ALA B 294 -18.43 -23.42 -11.91
CA ALA B 294 -19.78 -23.03 -12.44
C ALA B 294 -19.99 -23.49 -13.89
N MET B 295 -18.95 -23.50 -14.71
CA MET B 295 -19.06 -24.05 -16.06
C MET B 295 -19.25 -25.56 -16.02
N GLN B 296 -18.45 -26.26 -15.25
CA GLN B 296 -18.64 -27.71 -15.05
C GLN B 296 -20.06 -27.95 -14.53
N ASP B 297 -20.53 -27.09 -13.65
CA ASP B 297 -21.88 -27.27 -13.09
C ASP B 297 -23.02 -27.24 -14.14
N LYS B 298 -22.91 -26.32 -15.10
CA LYS B 298 -23.91 -26.16 -16.16
C LYS B 298 -23.77 -27.21 -17.25
N ILE B 299 -22.55 -27.59 -17.63
CA ILE B 299 -22.36 -28.43 -18.81
C ILE B 299 -22.01 -29.87 -18.50
N GLY B 300 -21.67 -30.18 -17.23
CA GLY B 300 -21.28 -31.53 -16.82
C GLY B 300 -19.85 -31.95 -17.06
N THR B 301 -19.49 -33.09 -16.45
CA THR B 301 -18.16 -33.74 -16.63
C THR B 301 -17.94 -34.47 -18.00
N LYS B 302 -19.00 -34.80 -18.76
CA LYS B 302 -18.87 -35.34 -20.14
C LYS B 302 -19.08 -34.23 -21.19
N PHE B 303 -18.63 -33.04 -20.86
CA PHE B 303 -18.66 -31.87 -21.74
C PHE B 303 -17.97 -32.13 -23.10
N THR B 304 -18.41 -31.37 -24.11
CA THR B 304 -17.82 -31.36 -25.43
C THR B 304 -17.22 -29.99 -25.73
N ASP B 305 -16.37 -29.90 -26.75
CA ASP B 305 -15.93 -28.59 -27.34
C ASP B 305 -17.15 -27.68 -27.53
N ASP B 306 -18.23 -28.18 -28.12
CA ASP B 306 -19.39 -27.34 -28.41
C ASP B 306 -20.01 -26.67 -27.18
N ASP B 307 -20.23 -27.46 -26.12
CA ASP B 307 -20.61 -26.95 -24.81
C ASP B 307 -19.70 -25.83 -24.29
N VAL B 308 -18.39 -26.08 -24.33
CA VAL B 308 -17.43 -25.12 -23.81
C VAL B 308 -17.48 -23.84 -24.65
N ARG B 309 -17.62 -24.00 -25.96
CA ARG B 309 -17.66 -22.86 -26.92
C ARG B 309 -18.92 -22.01 -26.68
N ASN B 310 -20.06 -22.65 -26.48
CA ASN B 310 -21.30 -21.90 -26.24
C ASN B 310 -21.25 -21.15 -24.94
N TYR B 311 -20.67 -21.75 -23.91
CA TYR B 311 -20.56 -21.11 -22.59
C TYR B 311 -19.60 -19.91 -22.62
N LEU B 312 -18.52 -20.02 -23.37
CA LEU B 312 -17.63 -18.88 -23.64
C LEU B 312 -18.43 -17.75 -24.26
N TRP B 313 -19.15 -18.04 -25.33
CA TRP B 313 -19.98 -17.04 -26.06
C TRP B 313 -21.09 -16.46 -25.17
N ASP B 314 -21.76 -17.32 -24.39
CA ASP B 314 -22.78 -16.86 -23.44
C ASP B 314 -22.15 -15.94 -22.36
N THR B 315 -20.94 -16.24 -21.93
CA THR B 315 -20.27 -15.37 -20.97
C THR B 315 -20.03 -14.00 -21.56
N LEU B 316 -19.39 -13.96 -22.73
CA LEU B 316 -19.04 -12.71 -23.42
C LEU B 316 -20.22 -11.87 -23.88
N LYS B 317 -21.30 -12.54 -24.29
CA LYS B 317 -22.50 -11.82 -24.74
C LYS B 317 -23.30 -11.21 -23.60
N SER B 318 -23.21 -11.81 -22.40
CA SER B 318 -23.74 -11.20 -21.16
C SER B 318 -22.91 -10.04 -20.62
N GLY B 319 -21.88 -9.60 -21.32
CA GLY B 319 -20.99 -8.55 -20.81
C GLY B 319 -19.93 -8.97 -19.78
N ARG B 320 -19.73 -10.27 -19.57
CA ARG B 320 -18.68 -10.78 -18.70
C ARG B 320 -17.35 -11.11 -19.43
N VAL B 321 -16.31 -11.15 -18.61
CA VAL B 321 -14.92 -11.51 -18.95
C VAL B 321 -14.73 -13.05 -18.85
N VAL B 322 -13.78 -13.58 -19.62
CA VAL B 322 -13.34 -14.95 -19.42
C VAL B 322 -12.04 -14.79 -18.62
N PRO B 323 -12.07 -15.11 -17.29
CA PRO B 323 -10.93 -14.86 -16.47
C PRO B 323 -9.73 -15.78 -16.79
N GLY B 324 -8.55 -15.24 -16.49
CA GLY B 324 -7.29 -15.91 -16.77
C GLY B 324 -6.82 -15.81 -18.21
N TYR B 325 -7.47 -15.01 -19.06
CA TYR B 325 -7.06 -14.81 -20.45
C TYR B 325 -6.87 -13.35 -20.69
N GLY B 326 -5.80 -13.00 -21.41
CA GLY B 326 -5.36 -11.59 -21.63
C GLY B 326 -4.27 -11.09 -20.67
N HIS B 327 -3.54 -10.05 -21.07
CA HIS B 327 -2.60 -9.39 -20.17
C HIS B 327 -2.31 -7.90 -20.49
N GLY B 328 -1.95 -7.15 -19.44
CA GLY B 328 -1.59 -5.73 -19.51
C GLY B 328 -0.31 -5.39 -20.29
N VAL B 329 0.69 -6.27 -20.16
CA VAL B 329 2.00 -6.22 -20.87
C VAL B 329 2.21 -7.41 -21.88
N LEU B 330 2.04 -8.65 -21.41
CA LEU B 330 2.33 -9.86 -22.21
C LEU B 330 1.59 -9.87 -23.52
N ARG B 331 2.30 -10.27 -24.60
CA ARG B 331 1.67 -10.50 -25.92
C ARG B 331 1.58 -11.96 -26.43
N LYS B 332 2.24 -12.93 -25.79
CA LYS B 332 2.19 -14.34 -26.25
C LYS B 332 1.87 -15.25 -25.05
N PRO B 333 1.58 -16.55 -25.29
CA PRO B 333 1.10 -17.32 -24.15
C PRO B 333 2.10 -17.29 -22.97
N ASP B 334 1.58 -17.30 -21.76
CA ASP B 334 2.39 -16.99 -20.56
C ASP B 334 3.26 -18.22 -20.31
N PRO B 335 4.60 -18.06 -20.28
CA PRO B 335 5.41 -19.27 -20.02
C PRO B 335 5.21 -19.88 -18.59
N ARG B 336 4.59 -19.14 -17.66
CA ARG B 336 4.25 -19.67 -16.32
C ARG B 336 3.07 -20.65 -16.46
N PHE B 337 2.10 -20.28 -17.29
CA PHE B 337 0.97 -21.15 -17.63
C PHE B 337 1.48 -22.44 -18.22
N GLN B 338 2.38 -22.32 -19.19
CA GLN B 338 2.89 -23.47 -19.93
C GLN B 338 3.70 -24.45 -19.05
N ALA B 339 4.54 -23.89 -18.18
CA ALA B 339 5.27 -24.68 -17.23
C ALA B 339 4.31 -25.51 -16.32
N LEU B 340 3.20 -24.93 -15.87
CA LEU B 340 2.17 -25.69 -15.13
C LEU B 340 1.48 -26.73 -15.98
N MET B 341 1.21 -26.41 -17.23
CA MET B 341 0.57 -27.36 -18.12
C MET B 341 1.51 -28.49 -18.36
N ASP B 342 2.83 -28.20 -18.42
CA ASP B 342 3.84 -29.24 -18.67
C ASP B 342 3.95 -30.16 -17.42
N PHE B 343 3.86 -29.58 -16.22
CA PHE B 343 3.78 -30.39 -14.98
C PHE B 343 2.59 -31.38 -15.03
N ALA B 344 1.45 -30.88 -15.42
CA ALA B 344 0.23 -31.72 -15.56
C ALA B 344 0.38 -32.85 -16.59
N ALA B 345 1.12 -32.58 -17.68
CA ALA B 345 1.26 -33.55 -18.80
C ALA B 345 1.83 -34.93 -18.41
N THR B 346 2.57 -34.99 -17.31
CA THR B 346 3.24 -36.22 -16.84
C THR B 346 2.61 -36.86 -15.59
N ARG B 347 1.48 -36.34 -15.13
CA ARG B 347 0.70 -36.94 -14.05
C ARG B 347 -0.62 -37.47 -14.59
N PRO B 348 -0.70 -38.75 -14.92
CA PRO B 348 -1.95 -39.29 -15.49
C PRO B 348 -3.22 -39.01 -14.67
N ASP B 349 -3.09 -38.96 -13.35
CA ASP B 349 -4.23 -38.74 -12.48
C ASP B 349 -4.74 -37.30 -12.58
N VAL B 350 -3.85 -36.32 -12.74
CA VAL B 350 -4.26 -34.93 -13.06
C VAL B 350 -5.01 -34.88 -14.40
N LEU B 351 -4.47 -35.54 -15.42
CA LEU B 351 -5.07 -35.53 -16.75
C LEU B 351 -6.47 -36.19 -16.82
N ALA B 352 -6.69 -37.20 -15.97
CA ALA B 352 -8.02 -37.89 -15.84
C ALA B 352 -9.05 -37.09 -15.04
N ASN B 353 -8.63 -36.04 -14.34
CA ASN B 353 -9.55 -35.17 -13.60
C ASN B 353 -10.40 -34.29 -14.57
N PRO B 354 -11.75 -34.40 -14.54
CA PRO B 354 -12.51 -33.62 -15.54
C PRO B 354 -12.35 -32.11 -15.43
N VAL B 355 -12.05 -31.61 -14.21
CA VAL B 355 -11.94 -30.18 -13.98
C VAL B 355 -10.70 -29.69 -14.69
N PHE B 356 -9.63 -30.47 -14.61
CA PHE B 356 -8.43 -30.23 -15.45
C PHE B 356 -8.71 -30.32 -16.95
N GLN B 357 -9.40 -31.37 -17.36
CA GLN B 357 -9.77 -31.53 -18.80
C GLN B 357 -10.50 -30.29 -19.26
N LEU B 358 -11.38 -29.77 -18.41
CA LEU B 358 -12.11 -28.57 -18.72
C LEU B 358 -11.21 -27.31 -18.86
N VAL B 359 -10.27 -27.16 -17.94
CA VAL B 359 -9.26 -26.09 -18.09
C VAL B 359 -8.50 -26.18 -19.42
N LYS B 360 -8.09 -27.41 -19.73
CA LYS B 360 -7.25 -27.67 -20.90
C LYS B 360 -8.02 -27.39 -22.22
N LYS B 361 -9.20 -27.99 -22.37
CA LYS B 361 -10.07 -27.73 -23.54
C LYS B 361 -10.38 -26.25 -23.67
N ASN B 362 -10.65 -25.60 -22.54
CA ASN B 362 -10.89 -24.19 -22.54
C ASN B 362 -9.65 -23.38 -23.05
N SER B 363 -8.47 -23.79 -22.66
CA SER B 363 -7.25 -23.21 -23.20
C SER B 363 -7.02 -23.42 -24.70
N GLU B 364 -7.66 -24.44 -25.28
CA GLU B 364 -7.58 -24.71 -26.73
C GLU B 364 -8.64 -23.95 -27.55
N ILE B 365 -9.71 -23.51 -26.92
CA ILE B 365 -10.87 -22.87 -27.61
C ILE B 365 -10.94 -21.37 -27.31
N ALA B 366 -10.66 -20.96 -26.08
CA ALA B 366 -10.93 -19.61 -25.62
C ALA B 366 -10.16 -18.55 -26.41
N PRO B 367 -8.89 -18.82 -26.72
CA PRO B 367 -8.15 -17.79 -27.40
C PRO B 367 -8.76 -17.40 -28.73
N ALA B 368 -9.26 -18.37 -29.51
CA ALA B 368 -9.93 -18.08 -30.79
C ALA B 368 -11.31 -17.40 -30.59
N VAL B 369 -12.10 -17.86 -29.63
CA VAL B 369 -13.38 -17.20 -29.35
C VAL B 369 -13.11 -15.73 -28.99
N LEU B 370 -12.19 -15.47 -28.05
CA LEU B 370 -11.91 -14.11 -27.60
C LEU B 370 -11.40 -13.15 -28.66
N THR B 371 -10.59 -13.68 -29.58
CA THR B 371 -10.09 -12.91 -30.73
C THR B 371 -11.27 -12.53 -31.64
N GLU B 372 -12.11 -13.51 -31.94
CA GLU B 372 -13.31 -13.29 -32.77
C GLU B 372 -14.29 -12.28 -32.13
N HIS B 373 -14.47 -12.37 -30.80
CA HIS B 373 -15.31 -11.43 -30.06
C HIS B 373 -14.67 -10.04 -30.09
N GLY B 374 -13.34 -10.00 -30.00
CA GLY B 374 -12.55 -8.84 -30.42
C GLY B 374 -12.30 -7.76 -29.38
N LYS B 375 -12.80 -7.94 -28.16
CA LYS B 375 -12.60 -6.94 -27.09
C LYS B 375 -11.49 -7.28 -26.08
N THR B 376 -10.80 -8.39 -26.25
CA THR B 376 -9.76 -8.80 -25.28
C THR B 376 -8.43 -8.69 -26.03
N LYS B 377 -7.50 -7.91 -25.47
CA LYS B 377 -6.25 -7.48 -26.17
C LYS B 377 -5.33 -8.54 -26.84
N ASN B 378 -4.74 -9.42 -26.03
CA ASN B 378 -3.98 -10.58 -26.46
C ASN B 378 -4.52 -11.76 -25.67
N PRO B 379 -5.46 -12.52 -26.25
CA PRO B 379 -6.30 -13.42 -25.51
C PRO B 379 -5.73 -14.84 -25.21
N HIS B 380 -4.46 -14.90 -24.84
CA HIS B 380 -3.81 -16.15 -24.55
C HIS B 380 -3.97 -16.42 -23.05
N PRO B 381 -3.92 -17.70 -22.67
CA PRO B 381 -3.99 -17.98 -21.23
C PRO B 381 -2.84 -17.38 -20.45
N ASN B 382 -3.12 -16.89 -19.25
CA ASN B 382 -2.06 -16.49 -18.35
C ASN B 382 -2.01 -17.54 -17.21
N VAL B 383 -1.02 -17.41 -16.34
CA VAL B 383 -0.81 -18.40 -15.30
C VAL B 383 -2.06 -18.80 -14.47
N ASP B 384 -2.93 -17.82 -14.24
CA ASP B 384 -4.11 -17.92 -13.40
C ASP B 384 -5.16 -18.88 -13.99
N ALA B 385 -5.08 -19.10 -15.31
CA ALA B 385 -5.94 -20.05 -15.96
C ALA B 385 -5.79 -21.45 -15.41
N ALA B 386 -4.60 -21.79 -14.95
CA ALA B 386 -4.28 -23.17 -14.60
C ALA B 386 -3.98 -23.44 -13.12
N SER B 387 -3.48 -22.45 -12.38
CA SER B 387 -2.96 -22.74 -11.03
C SER B 387 -3.99 -23.30 -10.06
N GLY B 388 -5.17 -22.68 -10.06
CA GLY B 388 -6.22 -23.08 -9.16
C GLY B 388 -6.66 -24.55 -9.34
N VAL B 389 -6.84 -24.96 -10.59
CA VAL B 389 -7.29 -26.32 -10.87
C VAL B 389 -6.28 -27.37 -10.41
N LEU B 390 -4.97 -27.06 -10.48
CA LEU B 390 -3.97 -27.99 -9.99
C LEU B 390 -3.99 -28.14 -8.46
N PHE B 391 -4.12 -27.03 -7.72
CA PHE B 391 -4.34 -27.13 -6.29
C PHE B 391 -5.62 -27.94 -5.96
N TYR B 392 -6.71 -27.68 -6.69
CA TYR B 392 -8.01 -28.35 -6.49
C TYR B 392 -7.91 -29.85 -6.64
N HIS B 393 -7.17 -30.27 -7.65
CA HIS B 393 -6.86 -31.66 -7.85
C HIS B 393 -6.21 -32.33 -6.64
N TYR B 394 -5.27 -31.65 -6.01
CA TYR B 394 -4.53 -32.24 -4.87
C TYR B 394 -5.31 -32.05 -3.57
N ALA B 395 -6.63 -31.83 -3.66
CA ALA B 395 -7.59 -31.94 -2.52
C ALA B 395 -7.53 -30.68 -1.64
N PHE B 396 -7.06 -29.61 -2.28
CA PHE B 396 -6.91 -28.28 -1.72
C PHE B 396 -8.13 -27.58 -2.35
N GLN B 397 -9.33 -27.97 -1.91
CA GLN B 397 -10.62 -27.66 -2.62
C GLN B 397 -11.36 -26.45 -2.01
N GLN B 398 -10.59 -25.49 -1.54
CA GLN B 398 -11.04 -24.31 -0.80
C GLN B 398 -10.37 -23.12 -1.52
N PRO B 399 -10.96 -22.72 -2.68
CA PRO B 399 -10.34 -21.71 -3.55
C PRO B 399 -10.01 -20.36 -2.89
N LEU B 400 -10.77 -19.98 -1.85
CA LEU B 400 -10.48 -18.78 -1.06
C LEU B 400 -9.05 -18.68 -0.56
N TYR B 401 -8.40 -19.84 -0.34
CA TYR B 401 -7.03 -19.91 0.15
C TYR B 401 -5.92 -19.96 -0.88
N TYR B 402 -6.25 -20.14 -2.16
CA TYR B 402 -5.22 -20.18 -3.23
C TYR B 402 -4.42 -18.90 -3.34
N THR B 403 -5.04 -17.77 -3.05
CA THR B 403 -4.36 -16.53 -3.11
C THR B 403 -3.34 -16.45 -1.94
N VAL B 404 -3.58 -17.17 -0.84
CA VAL B 404 -2.63 -17.18 0.29
C VAL B 404 -1.30 -17.78 -0.14
N THR B 405 -1.36 -18.85 -0.91
CA THR B 405 -0.16 -19.42 -1.53
C THR B 405 0.57 -18.43 -2.48
N PHE B 406 -0.17 -17.63 -3.25
CA PHE B 406 0.38 -16.59 -4.10
C PHE B 406 1.10 -15.63 -3.16
N GLY B 407 0.47 -15.27 -2.05
CA GLY B 407 1.14 -14.39 -1.09
C GLY B 407 2.48 -14.88 -0.54
N VAL B 408 2.56 -16.18 -0.33
CA VAL B 408 3.87 -16.81 0.05
C VAL B 408 4.94 -16.65 -1.04
N SER B 409 4.57 -16.98 -2.24
CA SER B 409 5.47 -16.90 -3.41
C SER B 409 5.95 -15.53 -3.62
N ARG B 410 5.01 -14.58 -3.60
CA ARG B 410 5.28 -13.24 -4.05
C ARG B 410 6.10 -12.41 -3.01
N ALA B 411 6.38 -12.96 -1.83
CA ALA B 411 7.39 -12.34 -0.98
C ALA B 411 8.78 -12.34 -1.65
N LEU B 412 9.05 -13.31 -2.52
CA LEU B 412 10.36 -13.56 -3.01
C LEU B 412 10.96 -12.37 -3.74
N GLY B 413 10.35 -12.00 -4.84
CA GLY B 413 10.92 -10.97 -5.71
C GLY B 413 10.96 -9.54 -5.15
N PRO B 414 9.85 -9.10 -4.56
CA PRO B 414 9.80 -7.80 -3.96
C PRO B 414 10.74 -7.60 -2.78
N LEU B 415 10.98 -8.68 -2.01
CA LEU B 415 11.93 -8.53 -0.91
C LEU B 415 13.34 -8.39 -1.46
N VAL B 416 13.68 -9.15 -2.48
CA VAL B 416 14.96 -8.98 -3.20
C VAL B 416 15.14 -7.51 -3.61
N GLN B 417 14.14 -6.94 -4.26
CA GLN B 417 14.26 -5.53 -4.74
C GLN B 417 14.36 -4.50 -3.58
N LEU B 418 13.70 -4.76 -2.46
CA LEU B 418 13.89 -3.89 -1.29
C LEU B 418 15.31 -3.84 -0.76
N ILE B 419 15.93 -5.02 -0.71
CA ILE B 419 17.33 -5.18 -0.40
C ILE B 419 18.20 -4.37 -1.38
N TRP B 420 17.93 -4.49 -2.68
CA TRP B 420 18.69 -3.72 -3.67
C TRP B 420 18.41 -2.22 -3.54
N ASP B 421 17.17 -1.82 -3.30
CA ASP B 421 16.81 -0.39 -3.10
C ASP B 421 17.64 0.26 -2.00
N ARG B 422 17.79 -0.46 -0.87
CA ARG B 422 18.47 0.07 0.31
C ARG B 422 20.01 0.04 0.10
N ALA B 423 20.49 -0.93 -0.64
CA ALA B 423 21.91 -1.04 -0.97
C ALA B 423 22.34 0.03 -1.96
N LEU B 424 21.45 0.36 -2.90
CA LEU B 424 21.75 1.45 -3.86
C LEU B 424 21.36 2.85 -3.32
N GLY B 425 20.59 2.93 -2.25
CA GLY B 425 20.21 4.23 -1.65
C GLY B 425 19.16 4.97 -2.44
N LEU B 426 18.27 4.24 -3.14
CA LEU B 426 17.19 4.85 -3.86
C LEU B 426 16.27 5.68 -2.98
N PRO B 427 15.76 6.81 -3.51
CA PRO B 427 14.99 7.73 -2.71
C PRO B 427 13.51 7.32 -2.59
N ILE B 428 12.75 8.13 -1.88
CA ILE B 428 11.32 7.95 -1.74
C ILE B 428 10.66 7.98 -3.11
N GLU B 429 9.74 7.07 -3.38
CA GLU B 429 9.02 7.16 -4.64
C GLU B 429 8.01 8.29 -4.53
N ARG B 430 8.12 9.31 -5.36
CA ARG B 430 7.23 10.51 -5.32
C ARG B 430 6.90 11.06 -6.75
N PRO B 431 5.94 10.46 -7.46
CA PRO B 431 5.50 11.09 -8.73
C PRO B 431 4.79 12.43 -8.49
N LYS B 432 4.53 13.17 -9.54
CA LYS B 432 3.69 14.36 -9.45
C LYS B 432 2.28 14.01 -9.91
N SER B 433 1.25 14.57 -9.27
CA SER B 433 -0.13 14.36 -9.68
C SER B 433 -0.71 15.59 -10.37
N ILE B 434 -1.83 15.41 -11.03
CA ILE B 434 -2.51 16.50 -11.76
C ILE B 434 -3.99 16.16 -11.86
N ASN B 435 -4.85 17.17 -11.92
CA ASN B 435 -6.30 16.99 -12.13
C ASN B 435 -6.72 17.02 -13.62
N LEU B 436 -7.94 16.58 -13.90
CA LEU B 436 -8.49 16.61 -15.24
C LEU B 436 -8.44 17.99 -15.84
N LEU B 437 -8.81 18.99 -15.06
CA LEU B 437 -8.80 20.38 -15.52
C LEU B 437 -7.41 20.89 -15.90
N GLY B 438 -6.38 20.39 -15.21
CA GLY B 438 -5.00 20.71 -15.53
C GLY B 438 -4.51 20.08 -16.84
N LEU B 439 -5.08 18.94 -17.21
CA LEU B 439 -4.71 18.26 -18.45
C LEU B 439 -5.26 18.90 -19.70
N LYS B 440 -6.41 19.57 -19.58
CA LYS B 440 -6.93 20.48 -20.61
C LYS B 440 -6.10 21.77 -20.86
P PO4 C . -22.32 -8.40 -13.53
O1 PO4 C . -20.81 -8.48 -13.43
O2 PO4 C . -22.93 -9.47 -12.67
O3 PO4 C . -22.73 -8.59 -14.97
O4 PO4 C . -22.81 -7.05 -13.06
O1 OAA D . 22.81 -10.33 -13.11
O2 OAA D . 21.71 -8.86 -14.31
O4 OAA D . 25.41 -5.90 -11.68
O5 OAA D . 23.52 -5.76 -12.79
O3 OAA D . 24.75 -8.64 -11.63
C1 OAA D . 22.77 -9.27 -13.76
C2 OAA D . 24.04 -8.46 -13.88
C3 OAA D . 24.45 -7.88 -12.53
C4 OAA D . 24.47 -6.43 -12.32
O1 OAA E . 28.94 3.32 -0.73
O2 OAA E . 27.41 2.70 0.73
O4 OAA E . 24.01 3.60 0.23
O5 OAA E . 23.66 5.66 -0.47
O3 OAA E . 26.37 5.79 0.60
C1 OAA E . 27.77 3.33 -0.30
C2 OAA E . 26.73 4.13 -1.07
C3 OAA E . 25.87 4.96 -0.14
C4 OAA E . 24.44 4.73 -0.13
P PO4 F . 25.70 13.01 -11.32
O1 PO4 F . 26.55 11.83 -11.75
O2 PO4 F . 26.35 14.27 -11.83
O3 PO4 F . 25.62 13.02 -9.80
O4 PO4 F . 24.32 12.89 -11.90
P PO4 G . 1.15 -8.47 -13.71
O1 PO4 G . 2.51 -9.09 -13.90
O2 PO4 G . 0.14 -9.02 -14.69
O3 PO4 G . 0.67 -8.80 -12.32
O4 PO4 G . 1.28 -6.99 -13.90
CL CL H . 22.62 -19.20 3.53
#